data_6QJB
#
_entry.id   6QJB
#
_entity_poly.entity_id   1
_entity_poly.type   'polypeptide(L)'
_entity_poly.pdbx_seq_one_letter_code
;FDVVSCNKNCTSGQNECPEGCFCGLLGQNKKGHCYKIIGN
;
_entity_poly.pdbx_strand_id   A
#
# COMPACT_ATOMS: atom_id res chain seq x y z
N PHE A 1 -16.77 0.28 -4.23
CA PHE A 1 -15.28 0.05 -4.09
C PHE A 1 -14.47 0.10 -5.39
N ASP A 2 -13.57 1.09 -5.52
CA ASP A 2 -12.50 1.11 -6.47
C ASP A 2 -11.19 1.17 -5.69
N VAL A 3 -10.08 0.64 -6.28
CA VAL A 3 -8.78 0.71 -5.66
C VAL A 3 -7.85 1.35 -6.66
N VAL A 4 -7.01 2.30 -6.20
CA VAL A 4 -6.00 2.97 -7.02
C VAL A 4 -4.69 2.90 -6.29
N SER A 5 -3.57 3.02 -7.02
CA SER A 5 -2.25 3.09 -6.43
C SER A 5 -1.92 4.49 -5.90
N CYS A 6 -1.05 4.56 -4.88
CA CYS A 6 -0.72 5.80 -4.18
C CYS A 6 0.71 6.24 -4.50
N ASN A 7 1.35 5.57 -5.49
CA ASN A 7 2.67 5.88 -6.03
C ASN A 7 3.80 5.90 -5.00
N LYS A 8 3.82 4.92 -4.07
CA LYS A 8 4.87 4.82 -3.07
C LYS A 8 5.19 3.34 -2.89
N ASN A 9 6.50 3.01 -2.80
CA ASN A 9 7.02 1.65 -2.67
C ASN A 9 7.14 1.28 -1.20
N CYS A 10 6.61 0.11 -0.77
CA CYS A 10 6.69 -0.28 0.62
C CYS A 10 7.63 -1.48 0.76
N THR A 11 8.21 -1.69 1.96
CA THR A 11 9.08 -2.82 2.27
C THR A 11 8.66 -3.57 3.49
N SER A 12 9.00 -4.88 3.52
CA SER A 12 8.71 -5.75 4.64
C SER A 12 9.46 -5.28 5.87
N GLY A 13 8.69 -5.08 6.96
CA GLY A 13 9.19 -4.62 8.24
C GLY A 13 9.13 -3.13 8.41
N GLN A 14 8.82 -2.38 7.32
CA GLN A 14 8.73 -0.93 7.38
C GLN A 14 7.36 -0.44 6.97
N ASN A 15 6.80 -0.94 5.83
CA ASN A 15 5.52 -0.52 5.28
C ASN A 15 5.34 0.98 5.06
N GLU A 16 6.33 1.67 4.47
CA GLU A 16 6.25 3.10 4.18
C GLU A 16 5.21 3.44 3.13
N CYS A 17 4.20 4.24 3.52
CA CYS A 17 3.23 4.86 2.64
C CYS A 17 3.05 6.28 3.16
N PRO A 18 2.59 7.28 2.40
CA PRO A 18 2.09 8.54 2.95
C PRO A 18 0.77 8.31 3.68
N GLU A 19 0.39 9.22 4.60
CA GLU A 19 -0.77 9.06 5.45
C GLU A 19 -2.08 9.02 4.66
N GLY A 20 -2.95 8.05 4.99
CA GLY A 20 -4.19 7.80 4.26
C GLY A 20 -4.07 6.67 3.26
N CYS A 21 -2.84 6.25 2.92
CA CYS A 21 -2.55 5.13 2.06
C CYS A 21 -1.97 3.97 2.85
N PHE A 22 -2.10 2.75 2.31
CA PHE A 22 -1.68 1.53 2.98
C PHE A 22 -1.09 0.64 1.89
N CYS A 23 -0.33 -0.41 2.24
CA CYS A 23 0.30 -1.24 1.23
C CYS A 23 -0.26 -2.64 1.33
N GLY A 24 -0.73 -3.21 0.21
CA GLY A 24 -1.22 -4.59 0.15
C GLY A 24 -0.08 -5.54 -0.09
N LEU A 25 0.87 -5.56 0.85
CA LEU A 25 2.10 -6.34 0.78
C LEU A 25 1.79 -7.83 0.91
N LEU A 26 2.48 -8.67 0.10
CA LEU A 26 2.13 -10.04 -0.17
C LEU A 26 2.59 -10.92 0.98
N GLY A 27 1.92 -10.85 2.16
CA GLY A 27 2.25 -11.65 3.33
C GLY A 27 3.50 -11.19 4.03
N GLN A 28 3.95 -9.96 3.71
CA GLN A 28 5.21 -9.36 4.11
C GLN A 28 6.46 -10.16 3.72
N ASN A 29 6.48 -10.75 2.50
CA ASN A 29 7.65 -11.45 1.98
C ASN A 29 8.84 -10.56 1.66
N LYS A 30 8.64 -9.41 0.98
CA LYS A 30 9.74 -8.58 0.57
C LYS A 30 9.35 -7.12 0.38
N LYS A 31 8.48 -6.82 -0.60
CA LYS A 31 8.17 -5.47 -0.97
C LYS A 31 6.82 -5.45 -1.65
N GLY A 32 6.19 -4.26 -1.71
CA GLY A 32 4.93 -4.06 -2.41
C GLY A 32 4.76 -2.59 -2.73
N HIS A 33 3.57 -2.20 -3.22
CA HIS A 33 3.33 -0.83 -3.66
C HIS A 33 2.07 -0.33 -2.96
N CYS A 34 2.03 0.95 -2.52
CA CYS A 34 0.94 1.49 -1.71
C CYS A 34 -0.32 1.81 -2.50
N TYR A 35 -1.51 1.62 -1.88
CA TYR A 35 -2.80 1.78 -2.55
C TYR A 35 -3.65 2.76 -1.74
N LYS A 36 -4.71 3.30 -2.38
CA LYS A 36 -5.78 4.03 -1.74
C LYS A 36 -7.10 3.32 -2.04
N ILE A 37 -7.99 3.14 -1.02
CA ILE A 37 -9.35 2.64 -1.17
C ILE A 37 -10.31 3.80 -1.21
N ILE A 38 -11.15 3.84 -2.27
CA ILE A 38 -12.20 4.82 -2.48
C ILE A 38 -13.47 4.07 -2.84
N GLY A 39 -14.66 4.61 -2.46
CA GLY A 39 -15.89 3.89 -2.73
C GLY A 39 -16.99 4.39 -1.85
N ASN A 40 -17.98 3.51 -1.60
CA ASN A 40 -19.19 3.82 -0.84
C ASN A 40 -18.92 4.22 0.64
N PHE A 1 -16.52 0.21 -4.41
CA PHE A 1 -15.04 0.05 -4.24
C PHE A 1 -14.20 0.09 -5.51
N ASP A 2 -13.24 1.05 -5.58
CA ASP A 2 -12.18 1.08 -6.55
C ASP A 2 -10.86 1.11 -5.79
N VAL A 3 -9.76 0.64 -6.41
CA VAL A 3 -8.43 0.73 -5.84
C VAL A 3 -7.53 1.41 -6.87
N VAL A 4 -6.70 2.36 -6.41
CA VAL A 4 -5.70 3.04 -7.22
C VAL A 4 -4.40 3.01 -6.46
N SER A 5 -3.25 3.21 -7.17
CA SER A 5 -1.96 3.31 -6.55
C SER A 5 -1.72 4.69 -5.93
N CYS A 6 -0.84 4.74 -4.89
CA CYS A 6 -0.57 5.95 -4.14
C CYS A 6 0.79 6.51 -4.53
N ASN A 7 1.45 5.88 -5.52
CA ASN A 7 2.75 6.21 -6.09
C ASN A 7 3.89 6.22 -5.07
N LYS A 8 3.91 5.23 -4.16
CA LYS A 8 4.90 5.18 -3.11
C LYS A 8 5.33 3.72 -2.94
N ASN A 9 6.65 3.45 -2.84
CA ASN A 9 7.23 2.13 -2.69
C ASN A 9 7.31 1.77 -1.22
N CYS A 10 6.88 0.55 -0.83
CA CYS A 10 6.98 0.11 0.55
C CYS A 10 7.57 -1.28 0.62
N THR A 11 8.24 -1.60 1.75
CA THR A 11 9.08 -2.79 1.84
C THR A 11 8.59 -3.55 3.06
N SER A 12 8.70 -4.90 3.10
CA SER A 12 8.42 -5.65 4.31
C SER A 12 9.43 -5.26 5.39
N GLY A 13 8.91 -5.00 6.61
CA GLY A 13 9.69 -4.46 7.72
C GLY A 13 9.61 -2.96 7.79
N GLN A 14 9.15 -2.28 6.71
CA GLN A 14 9.04 -0.83 6.71
C GLN A 14 7.60 -0.37 6.64
N ASN A 15 6.79 -0.84 5.65
CA ASN A 15 5.41 -0.42 5.44
C ASN A 15 5.17 1.09 5.39
N GLU A 16 6.06 1.86 4.73
CA GLU A 16 5.95 3.31 4.65
C GLU A 16 5.02 3.73 3.52
N CYS A 17 3.86 4.32 3.88
CA CYS A 17 2.94 4.94 2.95
C CYS A 17 2.54 6.28 3.57
N PRO A 18 2.12 7.31 2.84
CA PRO A 18 1.45 8.46 3.43
C PRO A 18 0.05 8.08 3.91
N GLU A 19 -0.54 8.87 4.83
CA GLU A 19 -1.83 8.53 5.43
C GLU A 19 -2.99 8.52 4.43
N GLY A 20 -3.92 7.55 4.60
CA GLY A 20 -4.99 7.29 3.64
C GLY A 20 -4.65 6.20 2.67
N CYS A 21 -3.37 5.81 2.59
CA CYS A 21 -2.87 4.75 1.73
C CYS A 21 -2.34 3.61 2.57
N PHE A 22 -2.33 2.38 2.01
CA PHE A 22 -1.87 1.18 2.69
C PHE A 22 -0.89 0.46 1.80
N CYS A 23 -0.01 -0.40 2.39
CA CYS A 23 1.04 -1.07 1.66
C CYS A 23 0.55 -2.39 1.09
N GLY A 24 0.73 -2.60 -0.24
CA GLY A 24 0.30 -3.81 -0.90
C GLY A 24 1.27 -4.96 -0.77
N LEU A 25 1.40 -5.48 0.45
CA LEU A 25 2.12 -6.69 0.78
C LEU A 25 1.16 -7.82 1.06
N LEU A 26 1.44 -8.99 0.47
CA LEU A 26 0.55 -10.12 0.36
C LEU A 26 0.35 -10.77 1.72
N GLY A 27 1.47 -10.95 2.45
CA GLY A 27 1.54 -11.36 3.83
C GLY A 27 2.90 -10.98 4.35
N GLN A 28 3.28 -9.70 4.10
CA GLN A 28 4.56 -9.09 4.44
C GLN A 28 5.78 -9.86 3.96
N ASN A 29 5.83 -10.22 2.66
CA ASN A 29 6.80 -11.19 2.16
C ASN A 29 8.08 -10.54 1.66
N LYS A 30 7.96 -9.56 0.72
CA LYS A 30 9.12 -8.95 0.07
C LYS A 30 8.97 -7.44 0.11
N LYS A 31 8.50 -6.86 -1.01
CA LYS A 31 8.29 -5.45 -1.19
C LYS A 31 6.97 -5.32 -1.92
N GLY A 32 6.32 -4.15 -1.80
CA GLY A 32 5.04 -3.90 -2.41
C GLY A 32 4.95 -2.44 -2.76
N HIS A 33 3.76 -1.99 -3.17
CA HIS A 33 3.60 -0.62 -3.59
C HIS A 33 2.36 -0.14 -2.87
N CYS A 34 2.30 1.16 -2.50
CA CYS A 34 1.19 1.67 -1.71
C CYS A 34 -0.05 1.91 -2.56
N TYR A 35 -1.25 1.56 -2.01
CA TYR A 35 -2.52 1.64 -2.71
C TYR A 35 -3.47 2.46 -1.85
N LYS A 36 -4.50 3.07 -2.48
CA LYS A 36 -5.54 3.81 -1.79
C LYS A 36 -6.87 3.07 -1.91
N ILE A 37 -7.64 2.97 -0.79
CA ILE A 37 -9.00 2.43 -0.79
C ILE A 37 -9.96 3.59 -0.97
N ILE A 38 -10.80 3.54 -2.03
CA ILE A 38 -11.90 4.46 -2.20
C ILE A 38 -13.19 3.70 -2.47
N GLY A 39 -14.29 4.15 -1.83
CA GLY A 39 -15.57 3.49 -1.91
C GLY A 39 -16.41 4.09 -0.82
N ASN A 40 -17.62 3.55 -0.62
CA ASN A 40 -18.54 4.01 0.43
C ASN A 40 -18.73 3.00 1.60
N PHE A 1 -16.64 0.48 -5.00
CA PHE A 1 -15.14 0.30 -4.90
C PHE A 1 -14.34 0.56 -6.17
N ASP A 2 -13.49 1.62 -6.12
CA ASP A 2 -12.37 1.79 -7.01
C ASP A 2 -11.11 1.63 -6.18
N VAL A 3 -10.01 1.16 -6.81
CA VAL A 3 -8.70 1.10 -6.16
C VAL A 3 -7.73 1.83 -7.06
N VAL A 4 -6.85 2.67 -6.48
CA VAL A 4 -5.82 3.39 -7.22
C VAL A 4 -4.52 3.25 -6.47
N SER A 5 -3.38 3.45 -7.16
CA SER A 5 -2.07 3.52 -6.53
C SER A 5 -1.79 4.88 -5.91
N CYS A 6 -0.89 4.91 -4.88
CA CYS A 6 -0.41 6.15 -4.28
C CYS A 6 1.01 6.47 -4.70
N ASN A 7 1.58 5.65 -5.62
CA ASN A 7 2.92 5.77 -6.19
C ASN A 7 4.05 5.73 -5.18
N LYS A 8 3.93 4.85 -4.17
CA LYS A 8 4.94 4.60 -3.15
C LYS A 8 5.16 3.12 -2.97
N ASN A 9 6.43 2.74 -2.74
CA ASN A 9 6.88 1.38 -2.47
C ASN A 9 6.80 1.12 -0.97
N CYS A 10 6.24 -0.03 -0.55
CA CYS A 10 6.31 -0.43 0.86
C CYS A 10 7.26 -1.61 0.96
N THR A 11 7.89 -1.78 2.14
CA THR A 11 8.93 -2.77 2.35
C THR A 11 8.52 -3.54 3.60
N SER A 12 8.81 -4.86 3.68
CA SER A 12 8.46 -5.70 4.83
C SER A 12 9.07 -5.21 6.13
N GLY A 13 8.27 -5.25 7.23
CA GLY A 13 8.65 -4.73 8.55
C GLY A 13 8.49 -3.23 8.64
N GLN A 14 9.12 -2.53 7.68
CA GLN A 14 9.20 -1.10 7.52
C GLN A 14 7.88 -0.40 7.22
N ASN A 15 7.07 -0.97 6.28
CA ASN A 15 5.67 -0.63 6.02
C ASN A 15 5.40 0.85 5.70
N GLU A 16 6.25 1.51 4.87
CA GLU A 16 6.06 2.91 4.51
C GLU A 16 4.96 3.14 3.49
N CYS A 17 3.90 3.90 3.89
CA CYS A 17 2.98 4.58 3.00
C CYS A 17 2.73 5.95 3.59
N PRO A 18 2.34 6.98 2.85
CA PRO A 18 1.81 8.22 3.41
C PRO A 18 0.42 8.01 3.99
N GLU A 19 -0.02 8.91 4.90
CA GLU A 19 -1.30 8.80 5.58
C GLU A 19 -2.49 8.86 4.62
N GLY A 20 -3.44 7.90 4.76
CA GLY A 20 -4.56 7.73 3.86
C GLY A 20 -4.36 6.64 2.85
N CYS A 21 -3.11 6.15 2.70
CA CYS A 21 -2.77 5.05 1.82
C CYS A 21 -2.33 3.87 2.65
N PHE A 22 -2.43 2.64 2.09
CA PHE A 22 -2.07 1.41 2.77
C PHE A 22 -1.42 0.54 1.72
N CYS A 23 -0.67 -0.51 2.10
CA CYS A 23 -0.03 -1.37 1.13
C CYS A 23 -0.45 -2.80 1.36
N GLY A 24 -0.98 -3.46 0.31
CA GLY A 24 -1.38 -4.86 0.36
C GLY A 24 -0.21 -5.76 0.08
N LEU A 25 0.80 -5.72 0.97
CA LEU A 25 2.03 -6.49 0.87
C LEU A 25 1.75 -7.97 1.10
N LEU A 26 2.42 -8.86 0.35
CA LEU A 26 2.04 -10.24 0.13
C LEU A 26 2.51 -11.08 1.31
N GLY A 27 1.89 -10.91 2.49
CA GLY A 27 2.21 -11.67 3.70
C GLY A 27 3.52 -11.28 4.34
N GLN A 28 3.98 -10.03 4.09
CA GLN A 28 5.26 -9.48 4.53
C GLN A 28 6.49 -10.27 4.06
N ASN A 29 6.46 -10.86 2.84
CA ASN A 29 7.61 -11.55 2.29
C ASN A 29 8.71 -10.67 1.75
N LYS A 30 8.36 -9.65 0.95
CA LYS A 30 9.33 -8.82 0.25
C LYS A 30 8.91 -7.36 0.33
N LYS A 31 8.32 -6.86 -0.78
CA LYS A 31 7.97 -5.48 -0.98
C LYS A 31 6.66 -5.45 -1.74
N GLY A 32 5.98 -4.30 -1.70
CA GLY A 32 4.70 -4.10 -2.39
C GLY A 32 4.53 -2.63 -2.66
N HIS A 33 3.36 -2.22 -3.18
CA HIS A 33 3.15 -0.84 -3.61
C HIS A 33 1.90 -0.29 -2.91
N CYS A 34 1.89 0.99 -2.51
CA CYS A 34 0.82 1.58 -1.71
C CYS A 34 -0.39 1.97 -2.55
N TYR A 35 -1.62 1.73 -2.01
CA TYR A 35 -2.87 1.91 -2.74
C TYR A 35 -3.80 2.79 -1.90
N LYS A 36 -4.85 3.35 -2.55
CA LYS A 36 -6.00 3.95 -1.90
C LYS A 36 -7.24 3.14 -2.30
N ILE A 37 -8.14 2.86 -1.33
CA ILE A 37 -9.50 2.34 -1.55
C ILE A 37 -10.45 3.51 -1.58
N ILE A 38 -11.27 3.64 -2.64
CA ILE A 38 -12.17 4.77 -2.79
C ILE A 38 -13.58 4.20 -2.73
N GLY A 39 -14.44 4.71 -1.82
CA GLY A 39 -15.84 4.35 -1.76
C GLY A 39 -16.31 4.25 -0.34
N ASN A 40 -15.70 3.33 0.43
CA ASN A 40 -16.01 3.15 1.85
C ASN A 40 -15.04 3.91 2.81
N PHE A 1 -16.74 0.94 -5.60
CA PHE A 1 -15.30 0.80 -5.24
C PHE A 1 -14.30 0.74 -6.40
N ASP A 2 -13.32 1.68 -6.38
CA ASP A 2 -12.13 1.62 -7.20
C ASP A 2 -10.93 1.60 -6.25
N VAL A 3 -9.81 0.97 -6.67
CA VAL A 3 -8.55 1.04 -5.93
C VAL A 3 -7.51 1.58 -6.88
N VAL A 4 -6.70 2.54 -6.39
CA VAL A 4 -5.62 3.17 -7.11
C VAL A 4 -4.41 3.17 -6.20
N SER A 5 -3.19 3.24 -6.76
CA SER A 5 -1.98 3.35 -5.96
C SER A 5 -1.72 4.77 -5.50
N CYS A 6 -0.93 4.90 -4.41
CA CYS A 6 -0.49 6.16 -3.84
C CYS A 6 0.92 6.50 -4.32
N ASN A 7 1.40 5.72 -5.32
CA ASN A 7 2.69 5.83 -6.01
C ASN A 7 3.91 5.64 -5.11
N LYS A 8 3.72 4.97 -3.96
CA LYS A 8 4.76 4.68 -2.99
C LYS A 8 4.95 3.20 -2.79
N ASN A 9 6.22 2.78 -2.61
CA ASN A 9 6.67 1.42 -2.37
C ASN A 9 6.85 1.19 -0.87
N CYS A 10 6.27 0.09 -0.33
CA CYS A 10 6.52 -0.34 1.04
C CYS A 10 7.48 -1.53 0.99
N THR A 11 8.25 -1.81 2.06
CA THR A 11 9.22 -2.90 2.06
C THR A 11 8.97 -3.69 3.32
N SER A 12 9.13 -5.04 3.33
CA SER A 12 8.93 -5.79 4.56
C SER A 12 9.89 -5.36 5.67
N GLY A 13 9.32 -5.14 6.87
CA GLY A 13 9.99 -4.57 8.03
C GLY A 13 9.79 -3.08 8.15
N GLN A 14 9.38 -2.39 7.06
CA GLN A 14 9.06 -0.98 7.14
C GLN A 14 7.97 -0.60 6.13
N ASN A 15 6.73 -0.45 6.62
CA ASN A 15 5.57 -0.20 5.79
C ASN A 15 5.49 1.28 5.41
N GLU A 16 6.25 1.68 4.37
CA GLU A 16 6.52 3.06 4.01
C GLU A 16 5.39 3.68 3.19
N CYS A 17 4.25 4.03 3.83
CA CYS A 17 3.12 4.68 3.16
C CYS A 17 2.86 6.05 3.76
N PRO A 18 2.32 7.01 3.02
CA PRO A 18 1.73 8.21 3.58
C PRO A 18 0.41 7.90 4.26
N GLU A 19 -0.07 8.77 5.18
CA GLU A 19 -1.31 8.58 5.91
C GLU A 19 -2.53 8.59 4.99
N GLY A 20 -3.45 7.61 5.21
CA GLY A 20 -4.62 7.42 4.36
C GLY A 20 -4.45 6.32 3.34
N CYS A 21 -3.22 5.81 3.15
CA CYS A 21 -2.92 4.73 2.23
C CYS A 21 -2.51 3.50 3.03
N PHE A 22 -2.69 2.29 2.46
CA PHE A 22 -2.28 1.04 3.09
C PHE A 22 -1.47 0.32 2.03
N CYS A 23 -0.62 -0.66 2.38
CA CYS A 23 0.13 -1.39 1.36
C CYS A 23 -0.32 -2.82 1.33
N GLY A 24 -0.67 -3.33 0.12
CA GLY A 24 -1.14 -4.70 -0.07
C GLY A 24 0.02 -5.65 -0.21
N LEU A 25 0.84 -5.73 0.86
CA LEU A 25 2.07 -6.50 0.87
C LEU A 25 1.73 -7.95 1.16
N LEU A 26 2.38 -8.89 0.44
CA LEU A 26 2.00 -10.27 0.31
C LEU A 26 2.47 -11.05 1.53
N GLY A 27 1.83 -10.84 2.70
CA GLY A 27 2.16 -11.54 3.95
C GLY A 27 3.45 -11.07 4.58
N GLN A 28 3.90 -9.85 4.21
CA GLN A 28 5.17 -9.24 4.56
C GLN A 28 6.40 -10.06 4.17
N ASN A 29 6.37 -10.71 2.98
CA ASN A 29 7.53 -11.41 2.45
C ASN A 29 8.57 -10.53 1.78
N LYS A 30 8.15 -9.57 0.91
CA LYS A 30 9.09 -8.84 0.06
C LYS A 30 8.85 -7.34 0.13
N LYS A 31 8.23 -6.76 -0.92
CA LYS A 31 7.96 -5.35 -1.05
C LYS A 31 6.66 -5.26 -1.80
N GLY A 32 6.00 -4.08 -1.79
CA GLY A 32 4.76 -3.90 -2.52
C GLY A 32 4.47 -2.43 -2.58
N HIS A 33 3.36 -2.03 -3.23
CA HIS A 33 2.94 -0.64 -3.29
C HIS A 33 1.77 -0.27 -2.42
N CYS A 34 1.76 1.03 -2.01
CA CYS A 34 0.74 1.63 -1.18
C CYS A 34 -0.46 2.03 -2.02
N TYR A 35 -1.69 1.72 -1.55
CA TYR A 35 -2.92 1.89 -2.30
C TYR A 35 -3.88 2.68 -1.43
N LYS A 36 -4.90 3.34 -2.03
CA LYS A 36 -6.00 3.91 -1.28
C LYS A 36 -7.33 3.39 -1.78
N ILE A 37 -8.35 3.41 -0.88
CA ILE A 37 -9.68 2.89 -1.10
C ILE A 37 -10.61 4.06 -1.34
N ILE A 38 -11.29 4.10 -2.52
CA ILE A 38 -12.26 5.13 -2.83
C ILE A 38 -13.55 4.50 -3.32
N GLY A 39 -14.71 5.13 -3.01
CA GLY A 39 -16.02 4.65 -3.40
C GLY A 39 -16.71 3.82 -2.34
N ASN A 40 -16.00 3.47 -1.24
CA ASN A 40 -16.58 2.72 -0.14
C ASN A 40 -17.40 3.64 0.82
N PHE A 1 -16.71 -0.22 -4.21
CA PHE A 1 -15.23 -0.43 -4.13
C PHE A 1 -14.44 -0.17 -5.41
N ASP A 2 -13.56 0.87 -5.40
CA ASP A 2 -12.45 0.97 -6.31
C ASP A 2 -11.17 1.09 -5.49
N VAL A 3 -10.06 0.56 -6.03
CA VAL A 3 -8.72 0.68 -5.45
C VAL A 3 -7.80 1.22 -6.51
N VAL A 4 -6.96 2.20 -6.12
CA VAL A 4 -6.00 2.85 -6.99
C VAL A 4 -4.66 2.85 -6.29
N SER A 5 -3.56 3.00 -7.06
CA SER A 5 -2.23 3.11 -6.51
C SER A 5 -1.96 4.50 -5.92
N CYS A 6 -1.21 4.54 -4.79
CA CYS A 6 -0.85 5.80 -4.14
C CYS A 6 0.50 6.31 -4.65
N ASN A 7 1.13 5.54 -5.57
CA ASN A 7 2.41 5.78 -6.21
C ASN A 7 3.58 5.90 -5.23
N LYS A 8 3.67 4.95 -4.27
CA LYS A 8 4.75 4.92 -3.30
C LYS A 8 5.15 3.48 -3.07
N ASN A 9 6.48 3.21 -2.98
CA ASN A 9 7.07 1.91 -2.70
C ASN A 9 7.13 1.65 -1.21
N CYS A 10 6.71 0.44 -0.78
CA CYS A 10 6.84 0.00 0.59
C CYS A 10 7.42 -1.41 0.64
N THR A 11 8.02 -1.77 1.78
CA THR A 11 8.63 -3.07 2.02
C THR A 11 8.14 -3.69 3.29
N SER A 12 8.42 -5.00 3.44
CA SER A 12 8.10 -5.82 4.60
C SER A 12 8.75 -5.28 5.86
N GLY A 13 7.97 -5.21 6.96
CA GLY A 13 8.38 -4.53 8.18
C GLY A 13 8.12 -3.05 8.09
N GLN A 14 8.77 -2.39 7.10
CA GLN A 14 8.75 -0.95 6.92
C GLN A 14 7.40 -0.31 6.63
N ASN A 15 6.59 -0.84 5.68
CA ASN A 15 5.23 -0.37 5.38
C ASN A 15 5.07 1.16 5.21
N GLU A 16 6.06 1.84 4.60
CA GLU A 16 6.06 3.29 4.51
C GLU A 16 5.20 3.79 3.37
N CYS A 17 4.16 4.57 3.73
CA CYS A 17 3.25 5.21 2.80
C CYS A 17 3.01 6.62 3.29
N PRO A 18 2.60 7.60 2.49
CA PRO A 18 2.06 8.86 3.00
C PRO A 18 0.69 8.63 3.64
N GLU A 19 0.23 9.56 4.51
CA GLU A 19 -1.01 9.38 5.25
C GLU A 19 -2.25 9.34 4.37
N GLY A 20 -3.21 8.44 4.72
CA GLY A 20 -4.39 8.16 3.92
C GLY A 20 -4.22 6.96 3.02
N CYS A 21 -2.96 6.49 2.86
CA CYS A 21 -2.64 5.32 2.05
C CYS A 21 -2.07 4.23 2.93
N PHE A 22 -2.21 2.96 2.47
CA PHE A 22 -1.70 1.78 3.15
C PHE A 22 -0.85 0.97 2.20
N CYS A 23 0.00 0.07 2.74
CA CYS A 23 0.92 -0.74 1.97
C CYS A 23 0.25 -2.02 1.50
N GLY A 24 0.28 -2.28 0.17
CA GLY A 24 -0.18 -3.55 -0.38
C GLY A 24 0.97 -4.52 -0.45
N LEU A 25 1.25 -5.21 0.66
CA LEU A 25 2.33 -6.18 0.77
C LEU A 25 1.74 -7.57 0.70
N LEU A 26 2.40 -8.50 -0.01
CA LEU A 26 1.94 -9.85 -0.26
C LEU A 26 2.21 -10.72 0.96
N GLY A 27 1.51 -10.46 2.10
CA GLY A 27 1.67 -11.21 3.34
C GLY A 27 2.98 -10.98 4.04
N GLN A 28 3.62 -9.84 3.73
CA GLN A 28 4.95 -9.43 4.15
C GLN A 28 6.09 -10.39 3.80
N ASN A 29 6.01 -11.06 2.63
CA ASN A 29 7.15 -11.80 2.06
C ASN A 29 8.31 -10.93 1.59
N LYS A 30 8.04 -9.82 0.88
CA LYS A 30 9.09 -9.01 0.26
C LYS A 30 8.76 -7.53 0.15
N LYS A 31 8.46 -7.02 -1.06
CA LYS A 31 8.18 -5.63 -1.34
C LYS A 31 6.79 -5.47 -1.89
N GLY A 32 6.21 -4.26 -1.80
CA GLY A 32 4.89 -3.99 -2.34
C GLY A 32 4.74 -2.53 -2.67
N HIS A 33 3.49 -2.10 -2.91
CA HIS A 33 3.26 -0.76 -3.39
C HIS A 33 2.09 -0.22 -2.60
N CYS A 34 2.06 1.10 -2.31
CA CYS A 34 0.99 1.69 -1.52
C CYS A 34 -0.27 1.93 -2.34
N TYR A 35 -1.47 1.69 -1.76
CA TYR A 35 -2.74 1.84 -2.46
C TYR A 35 -3.64 2.76 -1.66
N LYS A 36 -4.69 3.32 -2.31
CA LYS A 36 -5.78 4.03 -1.67
C LYS A 36 -7.09 3.35 -2.08
N ILE A 37 -8.03 3.16 -1.11
CA ILE A 37 -9.35 2.57 -1.35
C ILE A 37 -10.39 3.67 -1.28
N ILE A 38 -11.25 3.71 -2.31
CA ILE A 38 -12.29 4.69 -2.49
C ILE A 38 -13.60 3.98 -2.83
N GLY A 39 -14.75 4.59 -2.44
CA GLY A 39 -16.06 4.02 -2.65
C GLY A 39 -16.84 4.15 -1.38
N ASN A 40 -17.84 3.27 -1.18
CA ASN A 40 -18.62 3.17 0.04
C ASN A 40 -19.31 4.50 0.52
N PHE A 1 -16.80 0.57 -5.02
CA PHE A 1 -15.32 0.40 -4.86
C PHE A 1 -14.48 0.66 -6.10
N ASP A 2 -13.58 1.67 -6.03
CA ASP A 2 -12.46 1.79 -6.94
C ASP A 2 -11.19 1.75 -6.10
N VAL A 3 -10.08 1.24 -6.69
CA VAL A 3 -8.78 1.24 -6.04
C VAL A 3 -7.82 1.92 -7.00
N VAL A 4 -6.97 2.82 -6.48
CA VAL A 4 -5.98 3.54 -7.26
C VAL A 4 -4.64 3.47 -6.57
N SER A 5 -3.54 3.62 -7.33
CA SER A 5 -2.18 3.66 -6.80
C SER A 5 -1.79 5.02 -6.23
N CYS A 6 -0.93 5.01 -5.19
CA CYS A 6 -0.52 6.21 -4.46
C CYS A 6 0.87 6.68 -4.87
N ASN A 7 1.55 5.92 -5.76
CA ASN A 7 2.90 6.16 -6.28
C ASN A 7 3.98 6.25 -5.21
N LYS A 8 3.93 5.30 -4.24
CA LYS A 8 4.92 5.12 -3.20
C LYS A 8 4.93 3.61 -3.03
N ASN A 9 6.08 2.97 -2.71
CA ASN A 9 6.04 1.55 -2.37
C ASN A 9 6.57 1.33 -0.96
N CYS A 10 6.35 0.11 -0.43
CA CYS A 10 6.88 -0.34 0.83
C CYS A 10 7.81 -1.50 0.55
N THR A 11 8.69 -1.80 1.52
CA THR A 11 9.48 -3.03 1.55
C THR A 11 8.88 -3.77 2.74
N SER A 12 9.04 -5.10 2.83
CA SER A 12 8.55 -5.91 3.93
C SER A 12 9.10 -5.46 5.28
N GLY A 13 8.24 -5.56 6.33
CA GLY A 13 8.53 -5.02 7.66
C GLY A 13 8.15 -3.57 7.76
N GLN A 14 8.75 -2.74 6.89
CA GLN A 14 8.75 -1.29 6.97
C GLN A 14 7.39 -0.63 6.83
N ASN A 15 6.55 -1.04 5.83
CA ASN A 15 5.18 -0.58 5.64
C ASN A 15 4.97 0.94 5.63
N GLU A 16 5.84 1.67 4.90
CA GLU A 16 5.83 3.11 4.82
C GLU A 16 5.00 3.61 3.64
N CYS A 17 3.88 4.32 3.91
CA CYS A 17 3.08 5.01 2.92
C CYS A 17 2.80 6.41 3.43
N PRO A 18 2.49 7.42 2.59
CA PRO A 18 1.94 8.68 3.05
C PRO A 18 0.51 8.47 3.54
N GLU A 19 -0.02 9.41 4.36
CA GLU A 19 -1.29 9.24 5.05
C GLU A 19 -2.48 9.12 4.09
N GLY A 20 -3.38 8.15 4.36
CA GLY A 20 -4.52 7.84 3.51
C GLY A 20 -4.26 6.69 2.57
N CYS A 21 -2.99 6.26 2.43
CA CYS A 21 -2.59 5.17 1.55
C CYS A 21 -2.04 4.01 2.36
N PHE A 22 -2.13 2.77 1.82
CA PHE A 22 -1.67 1.56 2.50
C PHE A 22 -0.96 0.64 1.52
N CYS A 23 -0.04 -0.22 2.01
CA CYS A 23 0.53 -1.32 1.24
C CYS A 23 -0.22 -2.60 1.48
N GLY A 24 -0.50 -3.35 0.40
CA GLY A 24 -0.97 -4.72 0.46
C GLY A 24 0.23 -5.62 0.42
N LEU A 25 0.78 -5.94 1.61
CA LEU A 25 2.06 -6.58 1.75
C LEU A 25 1.78 -8.02 2.14
N LEU A 26 2.32 -8.99 1.37
CA LEU A 26 1.76 -10.32 1.31
C LEU A 26 2.41 -11.19 2.37
N GLY A 27 1.97 -11.07 3.65
CA GLY A 27 2.39 -11.98 4.72
C GLY A 27 3.85 -11.88 5.10
N GLN A 28 4.37 -10.63 5.19
CA GLN A 28 5.76 -10.25 5.44
C GLN A 28 6.84 -10.96 4.62
N ASN A 29 6.61 -11.08 3.29
CA ASN A 29 7.58 -11.63 2.35
C ASN A 29 8.45 -10.60 1.65
N LYS A 30 7.91 -9.82 0.68
CA LYS A 30 8.74 -9.10 -0.28
C LYS A 30 8.63 -7.60 -0.17
N LYS A 31 7.77 -6.99 -1.01
CA LYS A 31 7.63 -5.56 -1.18
C LYS A 31 6.21 -5.38 -1.67
N GLY A 32 5.66 -4.16 -1.55
CA GLY A 32 4.28 -3.93 -1.96
C GLY A 32 4.13 -2.48 -2.34
N HIS A 33 3.12 -2.14 -3.17
CA HIS A 33 2.94 -0.79 -3.67
C HIS A 33 1.81 -0.15 -2.87
N CYS A 34 1.89 1.18 -2.59
CA CYS A 34 0.87 1.86 -1.80
C CYS A 34 -0.37 2.15 -2.64
N TYR A 35 -1.57 1.85 -2.10
CA TYR A 35 -2.83 1.98 -2.82
C TYR A 35 -3.73 2.89 -1.99
N LYS A 36 -4.75 3.49 -2.63
CA LYS A 36 -5.84 4.17 -1.96
C LYS A 36 -7.15 3.46 -2.32
N ILE A 37 -8.03 3.22 -1.31
CA ILE A 37 -9.38 2.67 -1.48
C ILE A 37 -10.38 3.81 -1.39
N ILE A 38 -11.23 3.93 -2.42
CA ILE A 38 -12.29 4.93 -2.51
C ILE A 38 -13.60 4.30 -2.93
N GLY A 39 -14.72 5.02 -2.71
CA GLY A 39 -16.07 4.54 -2.96
C GLY A 39 -16.70 3.98 -1.72
N ASN A 40 -16.09 2.94 -1.11
CA ASN A 40 -16.58 2.33 0.12
C ASN A 40 -16.55 3.29 1.34
N PHE A 1 -16.31 0.78 -3.80
CA PHE A 1 -14.83 0.52 -3.80
C PHE A 1 -14.17 0.55 -5.18
N ASP A 2 -13.32 1.57 -5.42
CA ASP A 2 -12.33 1.56 -6.47
C ASP A 2 -10.98 1.64 -5.79
N VAL A 3 -9.92 1.13 -6.47
CA VAL A 3 -8.57 1.18 -5.92
C VAL A 3 -7.69 1.85 -6.97
N VAL A 4 -6.84 2.80 -6.54
CA VAL A 4 -5.90 3.50 -7.41
C VAL A 4 -4.55 3.49 -6.71
N SER A 5 -3.44 3.64 -7.47
CA SER A 5 -2.09 3.64 -6.92
C SER A 5 -1.69 4.97 -6.28
N CYS A 6 -0.75 4.92 -5.29
CA CYS A 6 -0.41 6.07 -4.46
C CYS A 6 1.09 6.39 -4.57
N ASN A 7 1.73 6.01 -5.71
CA ASN A 7 3.10 6.32 -6.12
C ASN A 7 4.21 6.17 -5.08
N LYS A 8 4.13 5.11 -4.22
CA LYS A 8 5.04 4.88 -3.12
C LYS A 8 5.09 3.38 -2.97
N ASN A 9 6.26 2.76 -2.65
CA ASN A 9 6.28 1.35 -2.30
C ASN A 9 6.53 1.16 -0.81
N CYS A 10 6.16 -0.03 -0.29
CA CYS A 10 6.61 -0.47 1.01
C CYS A 10 7.63 -1.56 0.80
N THR A 11 8.50 -1.74 1.82
CA THR A 11 9.41 -2.85 1.96
C THR A 11 8.95 -3.52 3.24
N SER A 12 8.95 -4.87 3.32
CA SER A 12 8.54 -5.57 4.53
C SER A 12 9.42 -5.19 5.73
N GLY A 13 8.79 -4.83 6.87
CA GLY A 13 9.52 -4.37 8.05
C GLY A 13 9.74 -2.88 8.05
N GLN A 14 9.32 -2.19 6.97
CA GLN A 14 9.23 -0.73 6.92
C GLN A 14 7.78 -0.31 6.82
N ASN A 15 6.99 -0.96 5.91
CA ASN A 15 5.54 -0.79 5.83
C ASN A 15 5.07 0.66 5.70
N GLU A 16 5.76 1.43 4.83
CA GLU A 16 5.66 2.87 4.75
C GLU A 16 4.77 3.33 3.60
N CYS A 17 3.64 4.00 3.90
CA CYS A 17 2.86 4.72 2.91
C CYS A 17 2.52 6.07 3.52
N PRO A 18 2.22 7.13 2.77
CA PRO A 18 1.62 8.34 3.33
C PRO A 18 0.18 8.08 3.77
N GLU A 19 -0.37 8.94 4.65
CA GLU A 19 -1.68 8.76 5.26
C GLU A 19 -2.81 8.76 4.25
N GLY A 20 -3.75 7.79 4.37
CA GLY A 20 -4.84 7.56 3.43
C GLY A 20 -4.55 6.45 2.46
N CYS A 21 -3.29 5.98 2.38
CA CYS A 21 -2.88 4.91 1.50
C CYS A 21 -2.40 3.70 2.30
N PHE A 22 -2.48 2.49 1.71
CA PHE A 22 -2.03 1.27 2.36
C PHE A 22 -1.22 0.54 1.30
N CYS A 23 -0.35 -0.42 1.65
CA CYS A 23 0.31 -1.26 0.66
C CYS A 23 -0.09 -2.70 0.77
N GLY A 24 -0.17 -3.36 -0.40
CA GLY A 24 -0.69 -4.72 -0.51
C GLY A 24 0.38 -5.76 -0.39
N LEU A 25 1.04 -5.83 0.78
CA LEU A 25 1.90 -6.94 1.13
C LEU A 25 1.10 -8.16 1.53
N LEU A 26 1.48 -9.31 0.92
CA LEU A 26 0.71 -10.53 0.85
C LEU A 26 0.57 -11.18 2.22
N GLY A 27 1.69 -11.20 2.93
CA GLY A 27 1.85 -11.62 4.31
C GLY A 27 3.21 -11.18 4.75
N GLN A 28 3.54 -9.89 4.49
CA GLN A 28 4.82 -9.22 4.76
C GLN A 28 6.08 -10.00 4.34
N ASN A 29 6.16 -10.44 3.06
CA ASN A 29 7.25 -11.29 2.60
C ASN A 29 8.38 -10.48 1.99
N LYS A 30 8.06 -9.56 1.04
CA LYS A 30 9.04 -8.85 0.24
C LYS A 30 8.77 -7.35 0.23
N LYS A 31 8.20 -6.85 -0.89
CA LYS A 31 7.92 -5.47 -1.16
C LYS A 31 6.61 -5.42 -1.90
N GLY A 32 5.85 -4.31 -1.77
CA GLY A 32 4.54 -4.16 -2.40
C GLY A 32 4.25 -2.69 -2.53
N HIS A 33 3.36 -2.31 -3.45
CA HIS A 33 3.14 -0.93 -3.82
C HIS A 33 1.98 -0.34 -3.03
N CYS A 34 2.03 0.98 -2.70
CA CYS A 34 0.96 1.65 -1.97
C CYS A 34 -0.20 2.02 -2.86
N TYR A 35 -1.44 1.80 -2.37
CA TYR A 35 -2.66 2.07 -3.10
C TYR A 35 -3.53 2.95 -2.22
N LYS A 36 -4.43 3.74 -2.83
CA LYS A 36 -5.44 4.53 -2.14
C LYS A 36 -6.78 3.83 -2.32
N ILE A 37 -7.57 3.74 -1.23
CA ILE A 37 -8.92 3.16 -1.25
C ILE A 37 -9.93 4.28 -1.28
N ILE A 38 -10.82 4.28 -2.30
CA ILE A 38 -11.90 5.22 -2.43
C ILE A 38 -13.20 4.47 -2.66
N GLY A 39 -14.32 5.01 -2.15
CA GLY A 39 -15.66 4.46 -2.37
C GLY A 39 -16.11 3.51 -1.29
N ASN A 40 -15.22 3.06 -0.38
CA ASN A 40 -15.54 2.12 0.68
C ASN A 40 -16.18 2.84 1.91
N PHE A 1 -16.47 0.85 -5.01
CA PHE A 1 -15.01 0.54 -4.90
C PHE A 1 -14.16 0.82 -6.15
N ASP A 2 -13.26 1.82 -6.04
CA ASP A 2 -12.13 2.01 -6.92
C ASP A 2 -10.86 1.84 -6.09
N VAL A 3 -9.77 1.33 -6.71
CA VAL A 3 -8.46 1.29 -6.09
C VAL A 3 -7.52 2.04 -7.02
N VAL A 4 -6.70 2.95 -6.45
CA VAL A 4 -5.72 3.72 -7.18
C VAL A 4 -4.42 3.67 -6.42
N SER A 5 -3.29 3.86 -7.14
CA SER A 5 -1.97 3.88 -6.54
C SER A 5 -1.63 5.20 -5.88
N CYS A 6 -0.71 5.16 -4.90
CA CYS A 6 -0.30 6.33 -4.11
C CYS A 6 1.16 6.68 -4.40
N ASN A 7 1.74 6.05 -5.45
CA ASN A 7 3.06 6.29 -6.02
C ASN A 7 4.23 6.10 -5.07
N LYS A 8 4.07 5.22 -4.07
CA LYS A 8 5.05 4.84 -3.07
C LYS A 8 5.00 3.33 -2.97
N ASN A 9 6.06 2.68 -2.43
CA ASN A 9 6.00 1.25 -2.18
C ASN A 9 6.59 0.96 -0.81
N CYS A 10 6.36 -0.27 -0.30
CA CYS A 10 6.98 -0.72 0.94
C CYS A 10 7.77 -1.97 0.59
N THR A 11 8.90 -2.19 1.30
CA THR A 11 9.44 -3.51 1.52
C THR A 11 8.95 -4.09 2.82
N SER A 12 9.11 -5.41 3.01
CA SER A 12 8.66 -6.11 4.21
C SER A 12 9.33 -5.61 5.47
N GLY A 13 8.51 -5.31 6.50
CA GLY A 13 8.93 -4.78 7.78
C GLY A 13 8.95 -3.27 7.84
N GLN A 14 8.98 -2.59 6.68
CA GLN A 14 8.98 -1.13 6.62
C GLN A 14 7.62 -0.49 6.80
N ASN A 15 6.60 -0.99 6.07
CA ASN A 15 5.21 -0.53 6.08
C ASN A 15 5.04 0.99 5.90
N GLU A 16 5.82 1.61 4.99
CA GLU A 16 5.89 3.05 4.82
C GLU A 16 5.01 3.52 3.67
N CYS A 17 3.90 4.22 3.97
CA CYS A 17 3.11 4.93 2.99
C CYS A 17 2.75 6.26 3.64
N PRO A 18 2.41 7.33 2.93
CA PRO A 18 1.84 8.54 3.54
C PRO A 18 0.44 8.29 4.06
N GLU A 19 -0.06 9.13 4.99
CA GLU A 19 -1.31 8.93 5.69
C GLU A 19 -2.50 8.95 4.73
N GLY A 20 -3.40 7.93 4.86
CA GLY A 20 -4.53 7.72 3.96
C GLY A 20 -4.25 6.67 2.92
N CYS A 21 -2.97 6.25 2.77
CA CYS A 21 -2.57 5.19 1.85
C CYS A 21 -2.04 4.01 2.64
N PHE A 22 -2.12 2.80 2.05
CA PHE A 22 -1.62 1.58 2.67
C PHE A 22 -0.89 0.81 1.57
N CYS A 23 0.05 -0.10 1.91
CA CYS A 23 0.65 -0.97 0.92
C CYS A 23 0.14 -2.37 1.07
N GLY A 24 -0.03 -3.05 -0.09
CA GLY A 24 -0.49 -4.44 -0.14
C GLY A 24 0.67 -5.35 0.04
N LEU A 25 1.16 -5.47 1.29
CA LEU A 25 2.36 -6.21 1.60
C LEU A 25 1.94 -7.63 1.95
N LEU A 26 2.44 -8.63 1.21
CA LEU A 26 1.84 -9.95 1.22
C LEU A 26 2.51 -10.79 2.29
N GLY A 27 1.87 -10.95 3.47
CA GLY A 27 2.21 -11.95 4.47
C GLY A 27 3.61 -11.85 5.04
N GLN A 28 4.15 -10.61 5.13
CA GLN A 28 5.54 -10.26 5.42
C GLN A 28 6.60 -11.02 4.62
N ASN A 29 6.36 -11.21 3.29
CA ASN A 29 7.34 -11.79 2.38
C ASN A 29 8.23 -10.73 1.75
N LYS A 30 7.93 -10.27 0.52
CA LYS A 30 8.83 -9.42 -0.25
C LYS A 30 8.50 -7.94 -0.15
N LYS A 31 7.63 -7.42 -1.04
CA LYS A 31 7.41 -6.00 -1.23
C LYS A 31 6.00 -5.78 -1.73
N GLY A 32 5.48 -4.54 -1.62
CA GLY A 32 4.14 -4.22 -2.08
C GLY A 32 4.02 -2.76 -2.34
N HIS A 33 3.10 -2.34 -3.23
CA HIS A 33 2.98 -0.96 -3.68
C HIS A 33 1.88 -0.28 -2.87
N CYS A 34 2.00 1.06 -2.61
CA CYS A 34 1.02 1.79 -1.82
C CYS A 34 -0.20 2.17 -2.66
N TYR A 35 -1.40 1.96 -2.11
CA TYR A 35 -2.67 2.21 -2.77
C TYR A 35 -3.52 3.01 -1.81
N LYS A 36 -4.63 3.58 -2.33
CA LYS A 36 -5.77 3.94 -1.51
C LYS A 36 -7.03 3.27 -2.04
N ILE A 37 -7.98 2.96 -1.11
CA ILE A 37 -9.30 2.42 -1.38
C ILE A 37 -10.30 3.54 -1.20
N ILE A 38 -11.09 3.81 -2.25
CA ILE A 38 -12.12 4.81 -2.27
C ILE A 38 -13.40 4.19 -2.82
N GLY A 39 -14.57 4.57 -2.26
CA GLY A 39 -15.84 3.97 -2.66
C GLY A 39 -16.73 3.88 -1.48
N ASN A 40 -17.59 2.84 -1.44
CA ASN A 40 -18.54 2.58 -0.36
C ASN A 40 -17.89 2.03 0.95
N PHE A 1 -16.94 1.73 -4.38
CA PHE A 1 -15.49 1.31 -4.27
C PHE A 1 -14.67 1.33 -5.55
N ASP A 2 -13.45 1.91 -5.47
CA ASP A 2 -12.44 1.80 -6.50
C ASP A 2 -11.12 1.74 -5.76
N VAL A 3 -10.06 1.20 -6.39
CA VAL A 3 -8.73 1.17 -5.82
C VAL A 3 -7.78 1.68 -6.89
N VAL A 4 -6.87 2.61 -6.51
CA VAL A 4 -5.89 3.22 -7.41
C VAL A 4 -4.55 3.19 -6.73
N SER A 5 -3.44 3.34 -7.48
CA SER A 5 -2.11 3.40 -6.90
C SER A 5 -1.79 4.74 -6.24
N CYS A 6 -0.93 4.71 -5.18
CA CYS A 6 -0.67 5.87 -4.34
C CYS A 6 0.78 6.35 -4.49
N ASN A 7 1.57 5.65 -5.34
CA ASN A 7 2.94 5.96 -5.72
C ASN A 7 3.94 6.03 -4.56
N LYS A 8 3.88 5.04 -3.64
CA LYS A 8 4.83 4.88 -2.56
C LYS A 8 5.04 3.38 -2.44
N ASN A 9 6.28 2.91 -2.11
CA ASN A 9 6.61 1.50 -2.05
C ASN A 9 6.95 1.10 -0.61
N CYS A 10 6.43 -0.06 -0.14
CA CYS A 10 6.81 -0.67 1.12
C CYS A 10 7.76 -1.81 0.83
N THR A 11 8.66 -2.13 1.79
CA THR A 11 9.59 -3.24 1.72
C THR A 11 9.34 -3.94 3.03
N SER A 12 9.70 -5.23 3.18
CA SER A 12 9.34 -6.11 4.28
C SER A 12 9.62 -5.55 5.67
N GLY A 13 10.75 -4.86 5.88
CA GLY A 13 11.08 -4.26 7.17
C GLY A 13 10.39 -2.96 7.49
N GLN A 14 9.55 -2.38 6.60
CA GLN A 14 8.88 -1.13 6.91
C GLN A 14 7.48 -1.05 6.30
N ASN A 15 6.48 -0.58 7.08
CA ASN A 15 5.16 -0.32 6.55
C ASN A 15 5.09 1.17 6.27
N GLU A 16 5.24 1.56 4.99
CA GLU A 16 5.51 2.94 4.64
C GLU A 16 4.57 3.40 3.56
N CYS A 17 3.45 4.06 3.92
CA CYS A 17 2.55 4.71 2.99
C CYS A 17 2.19 6.06 3.58
N PRO A 18 1.79 7.07 2.81
CA PRO A 18 1.09 8.23 3.36
C PRO A 18 -0.31 7.85 3.81
N GLU A 19 -0.94 8.67 4.70
CA GLU A 19 -2.23 8.35 5.29
C GLU A 19 -3.36 8.30 4.27
N GLY A 20 -4.25 7.30 4.41
CA GLY A 20 -5.33 7.02 3.46
C GLY A 20 -4.97 5.95 2.47
N CYS A 21 -3.68 5.55 2.42
CA CYS A 21 -3.19 4.52 1.53
C CYS A 21 -2.68 3.33 2.33
N PHE A 22 -2.70 2.12 1.73
CA PHE A 22 -2.15 0.93 2.37
C PHE A 22 -1.28 0.26 1.32
N CYS A 23 -0.31 -0.58 1.70
CA CYS A 23 0.41 -1.41 0.75
C CYS A 23 0.05 -2.85 0.91
N GLY A 24 -0.01 -3.58 -0.22
CA GLY A 24 -0.36 -4.99 -0.25
C GLY A 24 0.87 -5.83 -0.01
N LEU A 25 1.37 -5.82 1.24
CA LEU A 25 2.64 -6.43 1.58
C LEU A 25 2.34 -7.84 2.04
N LEU A 26 2.93 -8.85 1.36
CA LEU A 26 2.44 -10.21 1.45
C LEU A 26 3.13 -10.93 2.60
N GLY A 27 2.64 -10.76 3.84
CA GLY A 27 3.04 -11.60 4.98
C GLY A 27 4.49 -11.49 5.37
N GLN A 28 5.06 -10.26 5.29
CA GLN A 28 6.45 -9.88 5.46
C GLN A 28 7.48 -10.74 4.73
N ASN A 29 7.19 -11.06 3.44
CA ASN A 29 8.15 -11.71 2.56
C ASN A 29 9.03 -10.75 1.76
N LYS A 30 8.44 -9.89 0.90
CA LYS A 30 9.21 -9.10 -0.06
C LYS A 30 8.90 -7.61 0.00
N LYS A 31 8.12 -7.10 -0.96
CA LYS A 31 7.92 -5.68 -1.16
C LYS A 31 6.56 -5.49 -1.80
N GLY A 32 5.98 -4.28 -1.71
CA GLY A 32 4.65 -4.04 -2.23
C GLY A 32 4.37 -2.58 -2.37
N HIS A 33 3.49 -2.23 -3.32
CA HIS A 33 3.23 -0.84 -3.70
C HIS A 33 1.99 -0.35 -2.98
N CYS A 34 1.97 0.94 -2.56
CA CYS A 34 0.84 1.52 -1.84
C CYS A 34 -0.33 1.85 -2.78
N TYR A 35 -1.57 1.58 -2.32
CA TYR A 35 -2.79 1.80 -3.06
C TYR A 35 -3.67 2.70 -2.21
N LYS A 36 -4.54 3.51 -2.84
CA LYS A 36 -5.53 4.32 -2.17
C LYS A 36 -6.88 3.62 -2.27
N ILE A 37 -7.65 3.53 -1.16
CA ILE A 37 -9.01 3.04 -1.16
C ILE A 37 -9.96 4.22 -1.10
N ILE A 38 -10.88 4.27 -2.08
CA ILE A 38 -11.94 5.26 -2.19
C ILE A 38 -13.24 4.52 -2.40
N GLY A 39 -14.36 5.09 -1.90
CA GLY A 39 -15.65 4.45 -2.03
C GLY A 39 -16.66 5.22 -1.23
N ASN A 40 -17.83 4.60 -1.04
CA ASN A 40 -18.94 5.15 -0.27
C ASN A 40 -18.93 4.77 1.25
N PHE A 1 -16.86 1.00 -4.86
CA PHE A 1 -15.39 0.72 -4.70
C PHE A 1 -14.55 0.84 -5.97
N ASP A 2 -13.60 1.80 -5.98
CA ASP A 2 -12.49 1.82 -6.92
C ASP A 2 -11.22 1.73 -6.11
N VAL A 3 -10.17 1.09 -6.67
CA VAL A 3 -8.84 1.05 -6.06
C VAL A 3 -7.89 1.69 -7.04
N VAL A 4 -6.99 2.56 -6.52
CA VAL A 4 -5.97 3.22 -7.31
C VAL A 4 -4.66 3.08 -6.57
N SER A 5 -3.51 3.23 -7.26
CA SER A 5 -2.21 3.29 -6.61
C SER A 5 -1.97 4.65 -5.97
N CYS A 6 -1.13 4.69 -4.92
CA CYS A 6 -0.76 5.91 -4.22
C CYS A 6 0.53 6.46 -4.79
N ASN A 7 1.18 5.66 -5.66
CA ASN A 7 2.49 5.84 -6.26
C ASN A 7 3.60 5.97 -5.22
N LYS A 8 3.58 5.07 -4.21
CA LYS A 8 4.59 5.01 -3.18
C LYS A 8 4.97 3.55 -3.01
N ASN A 9 6.29 3.26 -2.91
CA ASN A 9 6.85 1.94 -2.77
C ASN A 9 6.98 1.60 -1.29
N CYS A 10 6.60 0.37 -0.87
CA CYS A 10 6.76 -0.05 0.51
C CYS A 10 7.46 -1.39 0.59
N THR A 11 8.20 -1.62 1.70
CA THR A 11 9.04 -2.80 1.89
C THR A 11 8.57 -3.38 3.19
N SER A 12 8.62 -4.73 3.37
CA SER A 12 7.85 -5.47 4.36
C SER A 12 8.00 -5.08 5.81
N GLY A 13 9.25 -4.82 6.30
CA GLY A 13 9.46 -4.36 7.67
C GLY A 13 9.16 -2.89 7.87
N GLN A 14 9.73 -2.05 6.97
CA GLN A 14 9.66 -0.60 7.05
C GLN A 14 8.25 -0.04 6.84
N ASN A 15 7.54 -0.58 5.82
CA ASN A 15 6.13 -0.42 5.51
C ASN A 15 5.66 1.04 5.37
N GLU A 16 6.41 1.91 4.65
CA GLU A 16 6.04 3.30 4.44
C GLU A 16 4.92 3.49 3.42
N CYS A 17 3.82 4.15 3.82
CA CYS A 17 2.89 4.77 2.90
C CYS A 17 2.56 6.13 3.52
N PRO A 18 2.16 7.17 2.80
CA PRO A 18 1.59 8.38 3.40
C PRO A 18 0.20 8.11 3.95
N GLU A 19 -0.30 8.97 4.86
CA GLU A 19 -1.58 8.79 5.52
C GLU A 19 -2.76 8.79 4.55
N GLY A 20 -3.65 7.78 4.65
CA GLY A 20 -4.75 7.57 3.72
C GLY A 20 -4.46 6.49 2.71
N CYS A 21 -3.17 6.08 2.58
CA CYS A 21 -2.76 5.01 1.70
C CYS A 21 -2.25 3.83 2.51
N PHE A 22 -2.33 2.60 1.96
CA PHE A 22 -1.95 1.39 2.66
C PHE A 22 -1.11 0.50 1.76
N CYS A 23 -0.28 -0.37 2.36
CA CYS A 23 0.74 -1.14 1.66
C CYS A 23 0.22 -2.49 1.23
N GLY A 24 0.35 -2.81 -0.08
CA GLY A 24 0.00 -4.11 -0.59
C GLY A 24 1.09 -5.12 -0.46
N LEU A 25 1.52 -5.41 0.78
CA LEU A 25 2.49 -6.45 1.08
C LEU A 25 1.79 -7.46 1.96
N LEU A 26 1.74 -8.73 1.52
CA LEU A 26 0.99 -9.77 2.19
C LEU A 26 1.96 -10.85 2.60
N GLY A 27 1.74 -11.50 3.77
CA GLY A 27 2.43 -12.73 4.13
C GLY A 27 3.85 -12.55 4.59
N GLN A 28 4.26 -11.30 4.82
CA GLN A 28 5.61 -10.87 5.18
C GLN A 28 6.68 -11.30 4.18
N ASN A 29 6.43 -11.12 2.86
CA ASN A 29 7.36 -11.50 1.82
C ASN A 29 8.36 -10.39 1.48
N LYS A 30 8.25 -9.74 0.30
CA LYS A 30 9.24 -8.84 -0.24
C LYS A 30 8.87 -7.35 -0.15
N LYS A 31 8.52 -6.74 -1.29
CA LYS A 31 8.12 -5.37 -1.45
C LYS A 31 6.68 -5.34 -1.90
N GLY A 32 5.98 -4.25 -1.58
CA GLY A 32 4.63 -4.01 -2.05
C GLY A 32 4.58 -2.61 -2.56
N HIS A 33 3.41 -2.20 -3.06
CA HIS A 33 3.25 -0.85 -3.54
C HIS A 33 2.01 -0.33 -2.83
N CYS A 34 1.93 0.98 -2.53
CA CYS A 34 0.85 1.53 -1.74
C CYS A 34 -0.39 1.84 -2.59
N TYR A 35 -1.60 1.57 -2.04
CA TYR A 35 -2.86 1.77 -2.75
C TYR A 35 -3.72 2.73 -1.95
N LYS A 36 -4.73 3.32 -2.62
CA LYS A 36 -5.81 4.06 -2.00
C LYS A 36 -7.13 3.38 -2.35
N ILE A 37 -8.03 3.20 -1.35
CA ILE A 37 -9.41 2.73 -1.53
C ILE A 37 -10.33 3.93 -1.46
N ILE A 38 -11.17 4.09 -2.50
CA ILE A 38 -12.17 5.13 -2.60
C ILE A 38 -13.50 4.53 -3.03
N GLY A 39 -14.62 5.21 -2.72
CA GLY A 39 -15.96 4.71 -3.01
C GLY A 39 -16.54 3.86 -1.90
N ASN A 40 -15.86 3.82 -0.74
CA ASN A 40 -16.28 3.08 0.44
C ASN A 40 -17.33 3.82 1.33
N PHE A 1 -16.57 0.05 -4.51
CA PHE A 1 -15.09 -0.10 -4.26
C PHE A 1 -14.20 -0.21 -5.49
N ASP A 2 -13.32 0.81 -5.68
CA ASP A 2 -12.19 0.76 -6.58
C ASP A 2 -10.93 0.89 -5.73
N VAL A 3 -9.79 0.33 -6.20
CA VAL A 3 -8.52 0.49 -5.52
C VAL A 3 -7.56 1.09 -6.53
N VAL A 4 -6.80 2.11 -6.10
CA VAL A 4 -5.80 2.78 -6.91
C VAL A 4 -4.52 2.88 -6.13
N SER A 5 -3.37 3.03 -6.82
CA SER A 5 -2.09 3.20 -6.19
C SER A 5 -1.79 4.63 -5.78
N CYS A 6 -0.98 4.80 -4.72
CA CYS A 6 -0.48 6.10 -4.28
C CYS A 6 0.91 6.36 -4.85
N ASN A 7 1.42 5.36 -5.58
CA ASN A 7 2.69 5.30 -6.29
C ASN A 7 3.92 5.55 -5.39
N LYS A 8 3.91 4.88 -4.22
CA LYS A 8 5.00 4.78 -3.27
C LYS A 8 5.15 3.31 -2.96
N ASN A 9 6.38 2.82 -2.69
CA ASN A 9 6.56 1.45 -2.24
C ASN A 9 6.39 1.35 -0.74
N CYS A 10 6.42 0.12 -0.19
CA CYS A 10 6.65 -0.04 1.22
C CYS A 10 7.81 -1.02 1.33
N THR A 11 8.23 -1.38 2.55
CA THR A 11 9.11 -2.53 2.75
C THR A 11 8.41 -3.19 3.90
N SER A 12 8.34 -4.54 3.98
CA SER A 12 7.40 -5.24 4.86
C SER A 12 7.55 -4.92 6.35
N GLY A 13 8.78 -4.88 6.89
CA GLY A 13 9.03 -4.51 8.28
C GLY A 13 8.76 -3.07 8.63
N GLN A 14 9.23 -2.13 7.77
CA GLN A 14 9.08 -0.70 7.93
C GLN A 14 7.64 -0.23 7.73
N ASN A 15 7.00 -0.78 6.68
CA ASN A 15 5.66 -0.56 6.17
C ASN A 15 5.38 0.92 5.86
N GLU A 16 6.33 1.58 5.16
CA GLU A 16 6.25 2.96 4.71
C GLU A 16 5.11 3.21 3.72
N CYS A 17 4.21 4.17 4.02
CA CYS A 17 3.35 4.82 3.05
C CYS A 17 3.23 6.26 3.46
N PRO A 18 2.85 7.21 2.60
CA PRO A 18 2.35 8.51 3.03
C PRO A 18 0.98 8.38 3.71
N GLU A 19 0.60 9.36 4.56
CA GLU A 19 -0.60 9.28 5.36
C GLU A 19 -1.87 9.26 4.52
N GLY A 20 -2.79 8.31 4.83
CA GLY A 20 -4.01 8.09 4.05
C GLY A 20 -3.89 6.95 3.09
N CYS A 21 -2.66 6.43 2.86
CA CYS A 21 -2.41 5.29 2.00
C CYS A 21 -1.92 4.14 2.85
N PHE A 22 -2.10 2.89 2.36
CA PHE A 22 -1.73 1.69 3.09
C PHE A 22 -1.06 0.75 2.10
N CYS A 23 -0.27 -0.24 2.56
CA CYS A 23 0.38 -1.17 1.67
C CYS A 23 -0.15 -2.54 1.98
N GLY A 24 -0.75 -3.22 0.98
CA GLY A 24 -1.25 -4.57 1.12
C GLY A 24 -0.14 -5.51 0.78
N LEU A 25 0.61 -5.95 1.82
CA LEU A 25 1.86 -6.64 1.64
C LEU A 25 1.63 -8.12 1.85
N LEU A 26 1.91 -8.93 0.81
CA LEU A 26 1.71 -10.35 0.81
C LEU A 26 2.92 -11.14 1.31
N GLY A 27 2.75 -11.85 2.45
CA GLY A 27 3.58 -12.97 2.88
C GLY A 27 4.99 -12.65 3.30
N GLN A 28 5.30 -11.35 3.54
CA GLN A 28 6.61 -10.80 3.88
C GLN A 28 7.67 -11.06 2.80
N ASN A 29 7.24 -11.18 1.53
CA ASN A 29 8.10 -11.57 0.41
C ASN A 29 8.90 -10.43 -0.17
N LYS A 30 8.23 -9.30 -0.42
CA LYS A 30 8.70 -8.27 -1.30
C LYS A 30 8.39 -6.94 -0.68
N LYS A 31 8.72 -5.88 -1.41
CA LYS A 31 8.39 -4.50 -1.16
C LYS A 31 6.90 -4.14 -1.21
N GLY A 32 6.09 -4.71 -2.13
CA GLY A 32 4.70 -4.29 -2.28
C GLY A 32 4.57 -2.92 -2.90
N HIS A 33 3.39 -2.27 -2.77
CA HIS A 33 3.26 -0.90 -3.24
C HIS A 33 2.08 -0.30 -2.47
N CYS A 34 2.03 1.04 -2.24
CA CYS A 34 0.98 1.66 -1.44
C CYS A 34 -0.27 2.01 -2.25
N TYR A 35 -1.47 1.79 -1.65
CA TYR A 35 -2.74 1.91 -2.34
C TYR A 35 -3.65 2.86 -1.56
N LYS A 36 -4.72 3.36 -2.23
CA LYS A 36 -5.84 4.06 -1.63
C LYS A 36 -7.14 3.31 -1.94
N ILE A 37 -8.03 3.17 -0.92
CA ILE A 37 -9.39 2.63 -1.07
C ILE A 37 -10.37 3.77 -1.27
N ILE A 38 -11.14 3.71 -2.37
CA ILE A 38 -12.23 4.63 -2.66
C ILE A 38 -13.46 3.84 -3.07
N GLY A 39 -14.65 4.28 -2.63
CA GLY A 39 -15.89 3.62 -2.99
C GLY A 39 -16.97 4.09 -2.08
N ASN A 40 -18.21 3.60 -2.31
CA ASN A 40 -19.37 3.95 -1.50
C ASN A 40 -19.84 2.74 -0.63
N PHE A 1 -16.41 0.30 -5.33
CA PHE A 1 -14.96 0.02 -5.05
C PHE A 1 -14.00 0.11 -6.23
N ASP A 2 -13.02 1.04 -6.14
CA ASP A 2 -11.83 1.01 -6.94
C ASP A 2 -10.62 1.00 -6.00
N VAL A 3 -9.52 0.35 -6.41
CA VAL A 3 -8.24 0.45 -5.73
C VAL A 3 -7.26 1.02 -6.73
N VAL A 4 -6.49 2.05 -6.28
CA VAL A 4 -5.53 2.76 -7.09
C VAL A 4 -4.26 2.92 -6.28
N SER A 5 -3.11 3.10 -6.97
CA SER A 5 -1.83 3.31 -6.32
C SER A 5 -1.63 4.74 -5.86
N CYS A 6 -0.73 4.92 -4.87
CA CYS A 6 -0.35 6.23 -4.33
C CYS A 6 1.03 6.65 -4.81
N ASN A 7 1.60 5.92 -5.79
CA ASN A 7 2.92 6.11 -6.38
C ASN A 7 4.05 6.10 -5.35
N LYS A 8 4.03 5.15 -4.39
CA LYS A 8 5.04 5.12 -3.35
C LYS A 8 5.44 3.67 -3.09
N ASN A 9 6.77 3.43 -2.97
CA ASN A 9 7.38 2.14 -2.71
C ASN A 9 7.47 1.93 -1.20
N CYS A 10 6.83 0.83 -0.72
CA CYS A 10 6.92 0.39 0.66
C CYS A 10 7.58 -0.97 0.70
N THR A 11 7.98 -1.42 1.91
CA THR A 11 8.44 -2.79 2.13
C THR A 11 7.64 -3.24 3.34
N SER A 12 7.26 -4.54 3.41
CA SER A 12 6.34 -5.13 4.38
C SER A 12 6.74 -4.92 5.83
N GLY A 13 8.05 -4.99 6.15
CA GLY A 13 8.56 -4.77 7.50
C GLY A 13 8.94 -3.32 7.76
N GLN A 14 8.60 -2.40 6.84
CA GLN A 14 8.85 -0.98 7.01
C GLN A 14 7.54 -0.19 7.01
N ASN A 15 6.61 -0.52 6.09
CA ASN A 15 5.26 0.04 5.94
C ASN A 15 5.21 1.56 5.75
N GLU A 16 6.17 2.14 5.01
CA GLU A 16 6.22 3.58 4.79
C GLU A 16 5.36 3.98 3.61
N CYS A 17 4.22 4.65 3.89
CA CYS A 17 3.31 5.20 2.90
C CYS A 17 2.93 6.61 3.33
N PRO A 18 2.49 7.52 2.44
CA PRO A 18 1.90 8.79 2.85
C PRO A 18 0.53 8.58 3.49
N GLU A 19 0.03 9.58 4.26
CA GLU A 19 -1.21 9.45 5.01
C GLU A 19 -2.42 9.27 4.10
N GLY A 20 -3.31 8.31 4.46
CA GLY A 20 -4.45 7.92 3.65
C GLY A 20 -4.17 6.73 2.77
N CYS A 21 -2.90 6.30 2.66
CA CYS A 21 -2.50 5.17 1.84
C CYS A 21 -1.95 4.07 2.75
N PHE A 22 -2.01 2.81 2.29
CA PHE A 22 -1.54 1.66 3.05
C PHE A 22 -0.66 0.81 2.16
N CYS A 23 0.20 -0.06 2.77
CA CYS A 23 1.16 -0.86 2.03
C CYS A 23 0.52 -2.18 1.65
N GLY A 24 0.44 -2.48 0.33
CA GLY A 24 -0.23 -3.67 -0.16
C GLY A 24 0.66 -4.87 -0.29
N LEU A 25 1.23 -5.39 0.82
CA LEU A 25 2.06 -6.58 0.77
C LEU A 25 1.62 -7.52 1.86
N LEU A 26 1.43 -8.82 1.54
CA LEU A 26 0.91 -9.78 2.49
C LEU A 26 1.99 -10.83 2.75
N GLY A 27 2.23 -11.18 4.05
CA GLY A 27 3.01 -12.36 4.43
C GLY A 27 4.51 -12.21 4.32
N GLN A 28 4.99 -10.99 4.00
CA GLN A 28 6.37 -10.64 3.70
C GLN A 28 6.99 -11.45 2.56
N ASN A 29 6.18 -11.70 1.49
CA ASN A 29 6.64 -12.32 0.25
C ASN A 29 7.61 -11.47 -0.56
N LYS A 30 7.30 -10.17 -0.75
CA LYS A 30 8.12 -9.26 -1.54
C LYS A 30 8.19 -7.90 -0.85
N LYS A 31 7.98 -6.82 -1.62
CA LYS A 31 8.02 -5.45 -1.16
C LYS A 31 6.64 -4.83 -0.99
N GLY A 32 5.81 -4.80 -2.06
CA GLY A 32 4.55 -4.08 -2.06
C GLY A 32 4.70 -2.72 -2.65
N HIS A 33 3.56 -2.02 -2.77
CA HIS A 33 3.53 -0.67 -3.27
C HIS A 33 2.35 -0.08 -2.53
N CYS A 34 2.32 1.26 -2.29
CA CYS A 34 1.26 1.86 -1.50
C CYS A 34 -0.02 2.11 -2.30
N TYR A 35 -1.20 1.76 -1.75
CA TYR A 35 -2.48 1.90 -2.43
C TYR A 35 -3.38 2.76 -1.57
N LYS A 36 -4.43 3.33 -2.20
CA LYS A 36 -5.60 3.84 -1.50
C LYS A 36 -6.84 3.12 -2.01
N ILE A 37 -7.86 3.00 -1.12
CA ILE A 37 -9.16 2.42 -1.43
C ILE A 37 -10.23 3.48 -1.33
N ILE A 38 -11.05 3.54 -2.39
CA ILE A 38 -12.18 4.43 -2.55
C ILE A 38 -13.41 3.61 -2.88
N GLY A 39 -14.57 3.99 -2.30
CA GLY A 39 -15.79 3.21 -2.39
C GLY A 39 -16.46 3.28 -1.06
N ASN A 40 -17.04 2.16 -0.60
CA ASN A 40 -17.75 2.07 0.68
C ASN A 40 -16.84 2.35 1.92
N PHE A 1 -16.34 0.84 -3.65
CA PHE A 1 -14.85 0.65 -3.55
C PHE A 1 -14.12 0.34 -4.86
N ASP A 2 -13.22 1.27 -5.27
CA ASP A 2 -12.21 1.02 -6.27
C ASP A 2 -10.86 1.17 -5.59
N VAL A 3 -9.80 0.51 -6.12
CA VAL A 3 -8.47 0.62 -5.56
C VAL A 3 -7.52 1.02 -6.69
N VAL A 4 -6.63 1.99 -6.42
CA VAL A 4 -5.65 2.51 -7.37
C VAL A 4 -4.31 2.57 -6.68
N SER A 5 -3.20 2.68 -7.43
CA SER A 5 -1.87 2.86 -6.86
C SER A 5 -1.63 4.26 -6.30
N CYS A 6 -0.85 4.35 -5.19
CA CYS A 6 -0.54 5.62 -4.52
C CYS A 6 0.80 6.18 -4.99
N ASN A 7 1.56 5.36 -5.76
CA ASN A 7 2.91 5.62 -6.25
C ASN A 7 3.92 5.85 -5.13
N LYS A 8 3.83 5.04 -4.06
CA LYS A 8 4.75 5.03 -2.93
C LYS A 8 5.21 3.63 -2.61
N ASN A 9 6.49 3.52 -2.20
CA ASN A 9 7.17 2.26 -1.97
C ASN A 9 7.06 1.86 -0.50
N CYS A 10 6.51 0.66 -0.28
CA CYS A 10 6.33 -0.03 0.98
C CYS A 10 7.34 -1.14 1.04
N THR A 11 7.78 -1.57 2.26
CA THR A 11 8.63 -2.74 2.43
C THR A 11 7.95 -3.55 3.52
N SER A 12 8.24 -4.86 3.65
CA SER A 12 7.73 -5.71 4.73
C SER A 12 8.21 -5.26 6.11
N GLY A 13 9.50 -4.89 6.24
CA GLY A 13 10.10 -4.37 7.48
C GLY A 13 9.54 -3.05 7.95
N GLN A 14 9.31 -2.11 7.01
CA GLN A 14 8.68 -0.83 7.31
C GLN A 14 7.58 -0.54 6.30
N ASN A 15 6.32 -0.46 6.78
CA ASN A 15 5.16 -0.30 5.91
C ASN A 15 4.89 1.20 5.74
N GLU A 16 5.65 1.88 4.87
CA GLU A 16 5.59 3.33 4.78
C GLU A 16 4.68 3.77 3.65
N CYS A 17 3.51 4.34 3.99
CA CYS A 17 2.60 4.96 3.03
C CYS A 17 2.18 6.28 3.64
N PRO A 18 1.81 7.32 2.87
CA PRO A 18 1.17 8.51 3.40
C PRO A 18 -0.26 8.23 3.82
N GLU A 19 -0.87 9.10 4.65
CA GLU A 19 -2.23 8.91 5.14
C GLU A 19 -3.26 8.96 4.02
N GLY A 20 -4.22 8.01 4.02
CA GLY A 20 -5.17 7.81 2.94
C GLY A 20 -4.75 6.71 2.01
N CYS A 21 -3.48 6.26 2.09
CA CYS A 21 -2.95 5.16 1.33
C CYS A 21 -2.60 4.01 2.27
N PHE A 22 -2.58 2.76 1.74
CA PHE A 22 -2.33 1.59 2.57
C PHE A 22 -1.44 0.64 1.78
N CYS A 23 -0.78 -0.31 2.47
CA CYS A 23 0.00 -1.37 1.88
C CYS A 23 -0.57 -2.68 2.35
N GLY A 24 -0.95 -3.56 1.40
CA GLY A 24 -1.33 -4.93 1.69
C GLY A 24 -0.16 -5.80 1.35
N LEU A 25 0.55 -6.32 2.38
CA LEU A 25 1.83 -6.95 2.15
C LEU A 25 1.61 -8.46 2.18
N LEU A 26 1.93 -9.13 1.06
CA LEU A 26 1.68 -10.53 0.86
C LEU A 26 2.81 -11.42 1.37
N GLY A 27 2.71 -11.83 2.66
CA GLY A 27 3.41 -12.98 3.24
C GLY A 27 4.91 -12.92 3.28
N GLN A 28 5.48 -11.70 3.46
CA GLN A 28 6.90 -11.35 3.42
C GLN A 28 7.69 -11.93 2.25
N ASN A 29 7.03 -11.99 1.06
CA ASN A 29 7.63 -12.40 -0.20
C ASN A 29 8.47 -11.31 -0.82
N LYS A 30 7.90 -10.10 -0.82
CA LYS A 30 8.48 -8.96 -1.45
C LYS A 30 7.92 -7.76 -0.73
N LYS A 31 8.44 -6.61 -1.12
CA LYS A 31 8.25 -5.28 -0.59
C LYS A 31 6.82 -4.74 -0.68
N GLY A 32 6.06 -5.05 -1.75
CA GLY A 32 4.71 -4.52 -1.95
C GLY A 32 4.73 -3.15 -2.57
N HIS A 33 3.58 -2.44 -2.58
CA HIS A 33 3.50 -1.10 -3.10
C HIS A 33 2.30 -0.46 -2.43
N CYS A 34 2.28 0.88 -2.22
CA CYS A 34 1.15 1.53 -1.58
C CYS A 34 -0.02 1.78 -2.53
N TYR A 35 -1.27 1.59 -2.05
CA TYR A 35 -2.47 1.74 -2.84
C TYR A 35 -3.32 2.82 -2.17
N LYS A 36 -4.23 3.47 -2.90
CA LYS A 36 -5.20 4.42 -2.36
C LYS A 36 -6.60 3.83 -2.43
N ILE A 37 -7.41 4.01 -1.35
CA ILE A 37 -8.80 3.57 -1.28
C ILE A 37 -9.71 4.72 -1.59
N ILE A 38 -10.58 4.53 -2.62
CA ILE A 38 -11.63 5.46 -2.98
C ILE A 38 -12.94 4.70 -3.10
N GLY A 39 -14.04 5.28 -2.59
CA GLY A 39 -15.32 4.62 -2.56
C GLY A 39 -16.10 5.08 -1.37
N ASN A 40 -17.10 4.29 -0.95
CA ASN A 40 -17.91 4.58 0.23
C ASN A 40 -17.29 4.14 1.58
N PHE A 1 -16.21 0.28 -3.92
CA PHE A 1 -14.72 0.13 -3.80
C PHE A 1 -13.96 0.00 -5.11
N ASP A 2 -13.08 0.99 -5.40
CA ASP A 2 -12.02 0.87 -6.38
C ASP A 2 -10.70 1.01 -5.64
N VAL A 3 -9.61 0.43 -6.18
CA VAL A 3 -8.29 0.55 -5.60
C VAL A 3 -7.36 1.01 -6.69
N VAL A 4 -6.51 2.02 -6.40
CA VAL A 4 -5.55 2.59 -7.34
C VAL A 4 -4.22 2.74 -6.62
N SER A 5 -3.11 2.87 -7.37
CA SER A 5 -1.79 3.09 -6.79
C SER A 5 -1.58 4.47 -6.20
N CYS A 6 -0.82 4.57 -5.09
CA CYS A 6 -0.56 5.82 -4.38
C CYS A 6 0.79 6.41 -4.75
N ASN A 7 1.60 5.66 -5.54
CA ASN A 7 2.94 5.99 -6.00
C ASN A 7 3.93 6.20 -4.83
N LYS A 8 3.93 5.28 -3.85
CA LYS A 8 4.88 5.30 -2.75
C LYS A 8 5.36 3.87 -2.52
N ASN A 9 6.66 3.69 -2.23
CA ASN A 9 7.30 2.39 -2.10
C ASN A 9 7.18 1.88 -0.65
N CYS A 10 6.64 0.65 -0.52
CA CYS A 10 6.50 -0.11 0.71
C CYS A 10 7.51 -1.24 0.75
N THR A 11 8.04 -1.54 1.95
CA THR A 11 8.88 -2.71 2.18
C THR A 11 8.30 -3.27 3.47
N SER A 12 8.39 -4.58 3.76
CA SER A 12 7.71 -5.24 4.89
C SER A 12 8.09 -4.67 6.25
N GLY A 13 9.39 -4.43 6.51
CA GLY A 13 9.85 -3.93 7.80
C GLY A 13 9.69 -2.44 7.96
N GLN A 14 9.24 -1.73 6.91
CA GLN A 14 9.09 -0.29 6.94
C GLN A 14 7.63 0.10 6.84
N ASN A 15 6.90 -0.51 5.86
CA ASN A 15 5.48 -0.42 5.55
C ASN A 15 5.00 1.04 5.44
N GLU A 16 5.74 1.87 4.68
CA GLU A 16 5.60 3.31 4.68
C GLU A 16 4.71 3.78 3.55
N CYS A 17 3.54 4.36 3.90
CA CYS A 17 2.62 4.99 2.96
C CYS A 17 2.22 6.32 3.56
N PRO A 18 1.81 7.35 2.81
CA PRO A 18 1.20 8.54 3.39
C PRO A 18 -0.21 8.24 3.89
N GLU A 19 -0.76 9.10 4.78
CA GLU A 19 -2.07 8.90 5.38
C GLU A 19 -3.18 8.91 4.33
N GLY A 20 -4.06 7.88 4.38
CA GLY A 20 -5.09 7.66 3.36
C GLY A 20 -4.72 6.58 2.38
N CYS A 21 -3.43 6.17 2.36
CA CYS A 21 -2.93 5.09 1.54
C CYS A 21 -2.50 3.93 2.41
N PHE A 22 -2.51 2.70 1.87
CA PHE A 22 -2.20 1.50 2.64
C PHE A 22 -1.31 0.60 1.78
N CYS A 23 -0.57 -0.34 2.41
CA CYS A 23 0.23 -1.32 1.71
C CYS A 23 -0.37 -2.70 1.90
N GLY A 24 -0.78 -3.33 0.78
CA GLY A 24 -1.23 -4.71 0.77
C GLY A 24 -0.10 -5.65 0.47
N LEU A 25 0.85 -5.79 1.42
CA LEU A 25 1.92 -6.76 1.34
C LEU A 25 1.62 -7.88 2.32
N LEU A 26 1.56 -9.13 1.82
CA LEU A 26 1.15 -10.27 2.61
C LEU A 26 2.36 -11.16 2.74
N GLY A 27 2.69 -11.60 3.98
CA GLY A 27 3.58 -12.74 4.20
C GLY A 27 5.04 -12.50 3.95
N GLN A 28 5.42 -11.24 3.64
CA GLN A 28 6.73 -10.82 3.17
C GLN A 28 7.19 -11.55 1.91
N ASN A 29 6.29 -11.65 0.90
CA ASN A 29 6.63 -12.19 -0.41
C ASN A 29 7.63 -11.37 -1.21
N LYS A 30 7.39 -10.06 -1.31
CA LYS A 30 8.28 -9.10 -1.94
C LYS A 30 8.20 -7.82 -1.14
N LYS A 31 7.79 -6.73 -1.83
CA LYS A 31 7.69 -5.38 -1.35
C LYS A 31 6.26 -4.84 -1.32
N GLY A 32 5.39 -5.21 -2.29
CA GLY A 32 4.08 -4.58 -2.43
C GLY A 32 4.22 -3.21 -3.04
N HIS A 33 3.19 -2.36 -2.91
CA HIS A 33 3.30 -0.97 -3.28
C HIS A 33 2.20 -0.30 -2.50
N CYS A 34 2.24 1.03 -2.26
CA CYS A 34 1.13 1.69 -1.57
C CYS A 34 -0.05 1.96 -2.49
N TYR A 35 -1.29 1.74 -1.98
CA TYR A 35 -2.50 1.84 -2.77
C TYR A 35 -3.41 2.85 -2.05
N LYS A 36 -4.35 3.48 -2.79
CA LYS A 36 -5.37 4.35 -2.25
C LYS A 36 -6.73 3.65 -2.33
N ILE A 37 -7.57 3.74 -1.26
CA ILE A 37 -8.94 3.23 -1.25
C ILE A 37 -9.89 4.36 -1.55
N ILE A 38 -10.71 4.19 -2.61
CA ILE A 38 -11.72 5.14 -3.03
C ILE A 38 -13.03 4.41 -3.28
N GLY A 39 -14.16 5.15 -3.23
CA GLY A 39 -15.50 4.60 -3.44
C GLY A 39 -16.22 4.27 -2.16
N ASN A 40 -15.52 4.26 -1.01
CA ASN A 40 -16.12 4.03 0.30
C ASN A 40 -16.99 5.25 0.76
N PHE A 1 -16.75 0.82 -4.73
CA PHE A 1 -15.27 0.61 -4.67
C PHE A 1 -14.50 0.78 -5.98
N ASP A 2 -13.59 1.79 -6.02
CA ASP A 2 -12.53 1.88 -7.00
C ASP A 2 -11.22 1.89 -6.20
N VAL A 3 -10.12 1.39 -6.81
CA VAL A 3 -8.82 1.37 -6.19
C VAL A 3 -7.86 2.10 -7.11
N VAL A 4 -7.00 2.97 -6.54
CA VAL A 4 -5.96 3.67 -7.27
C VAL A 4 -4.66 3.51 -6.52
N SER A 5 -3.51 3.64 -7.22
CA SER A 5 -2.20 3.61 -6.60
C SER A 5 -1.84 4.94 -5.95
N CYS A 6 -1.03 4.89 -4.88
CA CYS A 6 -0.56 6.06 -4.16
C CYS A 6 0.85 6.43 -4.62
N ASN A 7 1.47 5.52 -5.40
CA ASN A 7 2.79 5.59 -6.02
C ASN A 7 3.93 5.77 -5.03
N LYS A 8 3.87 4.99 -3.92
CA LYS A 8 4.93 4.89 -2.94
C LYS A 8 5.31 3.42 -2.85
N ASN A 9 6.64 3.13 -2.82
CA ASN A 9 7.20 1.80 -2.77
C ASN A 9 7.35 1.36 -1.32
N CYS A 10 6.81 0.18 -0.97
CA CYS A 10 6.80 -0.38 0.36
C CYS A 10 7.54 -1.71 0.42
N THR A 11 8.42 -1.86 1.43
CA THR A 11 9.25 -3.04 1.67
C THR A 11 8.80 -3.55 3.02
N SER A 12 8.80 -4.87 3.24
CA SER A 12 8.11 -5.53 4.35
C SER A 12 8.50 -5.09 5.75
N GLY A 13 9.82 -4.90 6.01
CA GLY A 13 10.35 -4.34 7.24
C GLY A 13 9.95 -2.92 7.49
N GLN A 14 9.88 -2.10 6.43
CA GLN A 14 9.57 -0.68 6.50
C GLN A 14 8.08 -0.45 6.72
N ASN A 15 7.24 -1.14 5.90
CA ASN A 15 5.79 -1.14 5.87
C ASN A 15 5.20 0.28 5.77
N GLU A 16 5.83 1.17 4.96
CA GLU A 16 5.56 2.60 4.93
C GLU A 16 4.67 3.01 3.78
N CYS A 17 3.67 3.88 4.06
CA CYS A 17 2.97 4.67 3.06
C CYS A 17 2.83 6.07 3.65
N PRO A 18 2.59 7.14 2.88
CA PRO A 18 2.09 8.40 3.40
C PRO A 18 0.65 8.25 3.87
N GLU A 19 0.17 9.18 4.74
CA GLU A 19 -1.12 9.05 5.38
C GLU A 19 -2.29 9.09 4.42
N GLY A 20 -3.29 8.20 4.63
CA GLY A 20 -4.44 8.02 3.75
C GLY A 20 -4.25 6.88 2.78
N CYS A 21 -3.02 6.36 2.65
CA CYS A 21 -2.68 5.26 1.78
C CYS A 21 -2.24 4.06 2.61
N PHE A 22 -2.39 2.83 2.07
CA PHE A 22 -2.04 1.61 2.79
C PHE A 22 -1.23 0.68 1.91
N CYS A 23 -0.40 -0.20 2.53
CA CYS A 23 0.47 -1.13 1.84
C CYS A 23 -0.11 -2.52 1.91
N GLY A 24 -0.40 -3.11 0.75
CA GLY A 24 -0.89 -4.49 0.65
C GLY A 24 0.24 -5.46 0.52
N LEU A 25 1.02 -5.63 1.59
CA LEU A 25 2.14 -6.56 1.62
C LEU A 25 1.74 -7.73 2.49
N LEU A 26 1.80 -8.96 1.93
CA LEU A 26 1.17 -10.12 2.53
C LEU A 26 2.27 -11.10 2.87
N GLY A 27 2.21 -11.76 4.06
CA GLY A 27 3.00 -12.96 4.36
C GLY A 27 4.48 -12.76 4.53
N GLN A 28 4.89 -11.48 4.70
CA GLN A 28 6.26 -10.97 4.68
C GLN A 28 7.00 -11.32 3.37
N ASN A 29 6.31 -11.15 2.22
CA ASN A 29 6.94 -11.09 0.91
C ASN A 29 7.74 -9.80 0.73
N LYS A 30 8.56 -9.71 -0.32
CA LYS A 30 9.61 -8.70 -0.39
C LYS A 30 9.15 -7.24 -0.54
N LYS A 31 8.22 -6.97 -1.48
CA LYS A 31 7.73 -5.64 -1.77
C LYS A 31 6.24 -5.62 -1.93
N GLY A 32 5.62 -4.47 -1.58
CA GLY A 32 4.23 -4.16 -1.81
C GLY A 32 4.19 -2.74 -2.31
N HIS A 33 3.03 -2.29 -2.81
CA HIS A 33 2.92 -0.96 -3.37
C HIS A 33 1.77 -0.30 -2.65
N CYS A 34 1.85 1.03 -2.38
CA CYS A 34 0.81 1.71 -1.62
C CYS A 34 -0.41 2.06 -2.49
N TYR A 35 -1.64 1.85 -1.94
CA TYR A 35 -2.87 2.05 -2.68
C TYR A 35 -3.75 3.00 -1.89
N LYS A 36 -4.77 3.59 -2.55
CA LYS A 36 -5.85 4.30 -1.90
C LYS A 36 -7.18 3.67 -2.32
N ILE A 37 -8.12 3.46 -1.35
CA ILE A 37 -9.47 2.97 -1.57
C ILE A 37 -10.44 4.13 -1.53
N ILE A 38 -11.27 4.24 -2.59
CA ILE A 38 -12.30 5.24 -2.72
C ILE A 38 -13.60 4.58 -3.12
N GLY A 39 -14.74 5.25 -2.84
CA GLY A 39 -16.07 4.67 -2.98
C GLY A 39 -16.55 4.20 -1.63
N ASN A 40 -16.65 2.88 -1.43
CA ASN A 40 -16.98 2.26 -0.15
C ASN A 40 -18.34 2.75 0.47
N PHE A 1 -16.80 1.30 -4.94
CA PHE A 1 -15.36 0.87 -4.87
C PHE A 1 -14.54 0.98 -6.15
N ASP A 2 -13.49 1.82 -6.10
CA ASP A 2 -12.33 1.74 -6.96
C ASP A 2 -11.14 1.54 -6.04
N VAL A 3 -10.05 0.92 -6.55
CA VAL A 3 -8.78 0.85 -5.86
C VAL A 3 -7.75 1.40 -6.83
N VAL A 4 -6.84 2.27 -6.33
CA VAL A 4 -5.79 2.88 -7.14
C VAL A 4 -4.50 2.78 -6.37
N SER A 5 -3.35 2.93 -7.07
CA SER A 5 -2.07 3.05 -6.42
C SER A 5 -1.84 4.44 -5.85
N CYS A 6 -1.02 4.53 -4.77
CA CYS A 6 -0.74 5.77 -4.05
C CYS A 6 0.70 6.21 -4.31
N ASN A 7 1.31 5.62 -5.35
CA ASN A 7 2.60 5.98 -5.93
C ASN A 7 3.78 5.93 -4.96
N LYS A 8 3.78 4.95 -4.02
CA LYS A 8 4.78 4.86 -2.97
C LYS A 8 5.21 3.41 -2.77
N ASN A 9 6.55 3.21 -2.64
CA ASN A 9 7.21 1.93 -2.39
C ASN A 9 7.12 1.50 -0.94
N CYS A 10 6.65 0.24 -0.72
CA CYS A 10 6.48 -0.40 0.57
C CYS A 10 7.35 -1.64 0.68
N THR A 11 8.09 -1.78 1.81
CA THR A 11 8.99 -2.90 2.02
C THR A 11 8.48 -3.59 3.26
N SER A 12 8.69 -4.93 3.42
CA SER A 12 8.07 -5.77 4.43
C SER A 12 8.33 -5.38 5.87
N GLY A 13 9.55 -4.90 6.19
CA GLY A 13 9.91 -4.43 7.52
C GLY A 13 9.72 -2.95 7.72
N GLN A 14 9.25 -2.23 6.68
CA GLN A 14 9.01 -0.79 6.77
C GLN A 14 7.53 -0.48 6.72
N ASN A 15 6.81 -1.11 5.76
CA ASN A 15 5.40 -0.87 5.45
C ASN A 15 5.05 0.60 5.20
N GLU A 16 5.89 1.30 4.41
CA GLU A 16 5.90 2.75 4.35
C GLU A 16 4.88 3.29 3.38
N CYS A 17 3.87 4.05 3.87
CA CYS A 17 2.91 4.76 3.03
C CYS A 17 2.73 6.17 3.57
N PRO A 18 2.29 7.16 2.79
CA PRO A 18 1.74 8.40 3.33
C PRO A 18 0.39 8.16 3.97
N GLU A 19 -0.08 9.05 4.87
CA GLU A 19 -1.32 8.88 5.60
C GLU A 19 -2.54 8.92 4.68
N GLY A 20 -3.49 8.00 4.91
CA GLY A 20 -4.67 7.82 4.07
C GLY A 20 -4.52 6.70 3.07
N CYS A 21 -3.28 6.22 2.86
CA CYS A 21 -2.97 5.10 1.98
C CYS A 21 -2.45 3.93 2.79
N PHE A 22 -2.57 2.70 2.25
CA PHE A 22 -2.25 1.49 2.97
C PHE A 22 -1.48 0.56 2.05
N CYS A 23 -0.75 -0.43 2.60
CA CYS A 23 0.03 -1.37 1.82
C CYS A 23 -0.46 -2.78 2.03
N GLY A 24 -0.74 -3.48 0.90
CA GLY A 24 -0.99 -4.91 0.90
C GLY A 24 0.27 -5.65 0.53
N LEU A 25 1.22 -5.81 1.48
CA LEU A 25 2.36 -6.70 1.32
C LEU A 25 2.16 -7.80 2.34
N LEU A 26 2.12 -9.07 1.88
CA LEU A 26 1.61 -10.15 2.69
C LEU A 26 2.69 -11.18 2.89
N GLY A 27 2.71 -11.84 4.07
CA GLY A 27 3.51 -13.05 4.29
C GLY A 27 4.99 -12.82 4.39
N GLN A 28 5.38 -11.53 4.54
CA GLN A 28 6.74 -11.02 4.48
C GLN A 28 7.47 -11.39 3.20
N ASN A 29 6.77 -11.19 2.05
CA ASN A 29 7.36 -11.21 0.72
C ASN A 29 8.12 -9.92 0.46
N LYS A 30 8.81 -9.81 -0.69
CA LYS A 30 9.96 -8.95 -0.86
C LYS A 30 9.67 -7.46 -0.75
N LYS A 31 8.64 -6.98 -1.47
CA LYS A 31 8.23 -5.60 -1.42
C LYS A 31 6.84 -5.52 -2.00
N GLY A 32 6.12 -4.43 -1.67
CA GLY A 32 4.80 -4.14 -2.19
C GLY A 32 4.71 -2.69 -2.53
N HIS A 33 3.47 -2.19 -2.72
CA HIS A 33 3.28 -0.83 -3.19
C HIS A 33 2.04 -0.32 -2.47
N CYS A 34 1.95 0.99 -2.17
CA CYS A 34 0.81 1.53 -1.43
C CYS A 34 -0.40 1.80 -2.31
N TYR A 35 -1.62 1.57 -1.76
CA TYR A 35 -2.86 1.66 -2.51
C TYR A 35 -3.78 2.63 -1.78
N LYS A 36 -4.77 3.20 -2.50
CA LYS A 36 -5.89 3.93 -1.94
C LYS A 36 -7.17 3.19 -2.32
N ILE A 37 -8.11 3.03 -1.36
CA ILE A 37 -9.48 2.59 -1.59
C ILE A 37 -10.36 3.82 -1.67
N ILE A 38 -11.17 3.94 -2.75
CA ILE A 38 -12.01 5.11 -2.97
C ILE A 38 -13.41 4.54 -2.92
N GLY A 39 -14.30 5.07 -2.04
CA GLY A 39 -15.64 4.54 -1.95
C GLY A 39 -16.43 5.27 -0.92
N ASN A 40 -17.66 4.78 -0.65
CA ASN A 40 -18.57 5.37 0.30
C ASN A 40 -18.35 4.94 1.79
N PHE A 1 -16.55 0.82 -4.99
CA PHE A 1 -15.09 0.50 -5.01
C PHE A 1 -14.30 0.91 -6.24
N ASP A 2 -13.36 1.86 -6.05
CA ASP A 2 -12.24 2.08 -6.94
C ASP A 2 -10.98 1.98 -6.10
N VAL A 3 -9.87 1.51 -6.72
CA VAL A 3 -8.56 1.49 -6.11
C VAL A 3 -7.63 2.24 -7.04
N VAL A 4 -6.80 3.15 -6.47
CA VAL A 4 -5.79 3.88 -7.22
C VAL A 4 -4.49 3.78 -6.47
N SER A 5 -3.35 3.90 -7.17
CA SER A 5 -2.03 3.87 -6.59
C SER A 5 -1.62 5.19 -5.95
N CYS A 6 -0.75 5.13 -4.92
CA CYS A 6 -0.39 6.27 -4.10
C CYS A 6 1.14 6.46 -4.12
N ASN A 7 1.76 6.12 -5.27
CA ASN A 7 3.15 6.37 -5.67
C ASN A 7 4.26 6.11 -4.64
N LYS A 8 4.14 5.05 -3.82
CA LYS A 8 5.10 4.78 -2.76
C LYS A 8 5.17 3.27 -2.59
N ASN A 9 6.36 2.71 -2.30
CA ASN A 9 6.59 1.28 -2.20
C ASN A 9 6.98 0.89 -0.78
N CYS A 10 6.40 -0.21 -0.24
CA CYS A 10 6.79 -0.81 1.02
C CYS A 10 7.64 -2.03 0.74
N THR A 11 8.56 -2.38 1.66
CA THR A 11 9.37 -3.59 1.59
C THR A 11 9.13 -4.21 2.94
N SER A 12 9.30 -5.54 3.11
CA SER A 12 8.77 -6.34 4.21
C SER A 12 9.09 -5.82 5.61
N GLY A 13 10.31 -5.31 5.86
CA GLY A 13 10.69 -4.74 7.15
C GLY A 13 10.16 -3.36 7.46
N GLN A 14 9.40 -2.70 6.56
CA GLN A 14 8.87 -1.37 6.85
C GLN A 14 7.47 -1.17 6.26
N ASN A 15 6.57 -0.50 6.98
CA ASN A 15 5.29 -0.08 6.43
C ASN A 15 5.42 1.41 6.12
N GLU A 16 5.59 1.75 4.83
CA GLU A 16 5.98 3.08 4.42
C GLU A 16 4.99 3.59 3.39
N CYS A 17 3.95 4.34 3.82
CA CYS A 17 3.03 5.02 2.92
C CYS A 17 2.80 6.41 3.49
N PRO A 18 2.39 7.41 2.72
CA PRO A 18 1.83 8.65 3.27
C PRO A 18 0.46 8.40 3.86
N GLU A 19 -0.03 9.30 4.75
CA GLU A 19 -1.27 9.14 5.48
C GLU A 19 -2.50 9.08 4.58
N GLY A 20 -3.40 8.11 4.82
CA GLY A 20 -4.59 7.85 4.02
C GLY A 20 -4.39 6.75 3.02
N CYS A 21 -3.14 6.29 2.80
CA CYS A 21 -2.80 5.21 1.89
C CYS A 21 -2.27 4.02 2.66
N PHE A 22 -2.42 2.81 2.09
CA PHE A 22 -1.93 1.57 2.71
C PHE A 22 -1.20 0.83 1.59
N CYS A 23 -0.28 -0.10 1.92
CA CYS A 23 0.35 -0.93 0.90
C CYS A 23 -0.09 -2.37 0.97
N GLY A 24 -0.17 -3.00 -0.22
CA GLY A 24 -0.49 -4.41 -0.36
C GLY A 24 0.72 -5.26 -0.15
N LEU A 25 1.20 -5.30 1.11
CA LEU A 25 2.42 -6.00 1.47
C LEU A 25 2.00 -7.40 1.88
N LEU A 26 2.55 -8.44 1.21
CA LEU A 26 1.96 -9.76 1.24
C LEU A 26 2.45 -10.54 2.46
N GLY A 27 1.90 -10.25 3.66
CA GLY A 27 2.06 -11.10 4.84
C GLY A 27 3.48 -11.27 5.33
N GLN A 28 4.23 -10.14 5.40
CA GLN A 28 5.66 -10.03 5.71
C GLN A 28 6.58 -10.97 4.91
N ASN A 29 6.33 -11.09 3.59
CA ASN A 29 7.23 -11.77 2.67
C ASN A 29 8.14 -10.80 1.93
N LYS A 30 7.62 -10.04 0.93
CA LYS A 30 8.48 -9.36 -0.04
C LYS A 30 8.32 -7.85 -0.04
N LYS A 31 7.57 -7.30 -1.02
CA LYS A 31 7.41 -5.88 -1.21
C LYS A 31 6.00 -5.65 -1.72
N GLY A 32 5.49 -4.41 -1.59
CA GLY A 32 4.14 -4.11 -2.04
C GLY A 32 3.96 -2.63 -2.19
N HIS A 33 3.07 -2.20 -3.11
CA HIS A 33 2.94 -0.81 -3.50
C HIS A 33 1.79 -0.17 -2.75
N CYS A 34 1.88 1.15 -2.41
CA CYS A 34 0.84 1.87 -1.69
C CYS A 34 -0.34 2.22 -2.59
N TYR A 35 -1.58 2.04 -2.08
CA TYR A 35 -2.79 2.29 -2.82
C TYR A 35 -3.70 3.14 -1.93
N LYS A 36 -4.69 3.80 -2.55
CA LYS A 36 -5.83 4.37 -1.87
C LYS A 36 -7.07 3.61 -2.33
N ILE A 37 -7.94 3.18 -1.39
CA ILE A 37 -9.26 2.63 -1.69
C ILE A 37 -10.34 3.63 -1.36
N ILE A 38 -11.20 3.88 -2.36
CA ILE A 38 -12.28 4.84 -2.36
C ILE A 38 -13.57 4.19 -2.82
N GLY A 39 -14.72 4.83 -2.48
CA GLY A 39 -16.04 4.25 -2.63
C GLY A 39 -16.49 3.61 -1.35
N ASN A 40 -15.92 2.44 -1.00
CA ASN A 40 -16.19 1.74 0.25
C ASN A 40 -17.71 1.46 0.55
N PHE A 1 -16.23 0.63 -3.62
CA PHE A 1 -14.76 0.35 -3.61
C PHE A 1 -14.07 0.25 -4.98
N ASP A 2 -13.10 1.16 -5.21
CA ASP A 2 -12.06 1.00 -6.21
C ASP A 2 -10.74 1.10 -5.46
N VAL A 3 -9.67 0.47 -6.00
CA VAL A 3 -8.34 0.58 -5.44
C VAL A 3 -7.42 0.99 -6.57
N VAL A 4 -6.56 2.00 -6.32
CA VAL A 4 -5.63 2.57 -7.28
C VAL A 4 -4.29 2.72 -6.59
N SER A 5 -3.18 2.85 -7.35
CA SER A 5 -1.87 3.02 -6.73
C SER A 5 -1.64 4.43 -6.18
N CYS A 6 -0.74 4.56 -5.18
CA CYS A 6 -0.44 5.82 -4.51
C CYS A 6 1.04 6.16 -4.69
N ASN A 7 1.63 5.68 -5.82
CA ASN A 7 2.98 5.96 -6.32
C ASN A 7 4.13 5.90 -5.31
N LYS A 8 4.10 4.96 -4.34
CA LYS A 8 5.04 4.99 -3.24
C LYS A 8 5.47 3.57 -2.90
N ASN A 9 6.79 3.39 -2.64
CA ASN A 9 7.44 2.11 -2.39
C ASN A 9 7.41 1.84 -0.89
N CYS A 10 6.85 0.70 -0.44
CA CYS A 10 6.87 0.33 0.98
C CYS A 10 7.74 -0.91 1.13
N THR A 11 8.03 -1.32 2.37
CA THR A 11 8.62 -2.62 2.66
C THR A 11 7.72 -3.16 3.74
N SER A 12 7.48 -4.48 3.80
CA SER A 12 6.53 -5.15 4.69
C SER A 12 6.77 -4.95 6.18
N GLY A 13 8.04 -4.80 6.61
CA GLY A 13 8.38 -4.52 8.00
C GLY A 13 8.53 -3.05 8.31
N GLN A 14 8.37 -2.15 7.30
CA GLN A 14 8.48 -0.72 7.48
C GLN A 14 7.13 -0.04 7.39
N ASN A 15 6.29 -0.48 6.42
CA ASN A 15 4.90 -0.05 6.19
C ASN A 15 4.72 1.45 5.98
N GLU A 16 5.67 2.13 5.31
CA GLU A 16 5.58 3.55 5.06
C GLU A 16 4.80 3.86 3.79
N CYS A 17 3.63 4.51 3.94
CA CYS A 17 2.85 5.09 2.87
C CYS A 17 2.42 6.46 3.37
N PRO A 18 2.08 7.45 2.55
CA PRO A 18 1.51 8.71 3.02
C PRO A 18 0.09 8.52 3.52
N GLU A 19 -0.45 9.48 4.32
CA GLU A 19 -1.74 9.35 4.96
C GLU A 19 -2.89 9.24 3.96
N GLY A 20 -3.80 8.27 4.19
CA GLY A 20 -4.86 7.91 3.26
C GLY A 20 -4.50 6.75 2.37
N CYS A 21 -3.21 6.36 2.34
CA CYS A 21 -2.72 5.26 1.54
C CYS A 21 -2.17 4.16 2.44
N PHE A 22 -2.14 2.91 1.92
CA PHE A 22 -1.75 1.74 2.68
C PHE A 22 -1.02 0.84 1.69
N CYS A 23 -0.29 -0.20 2.12
CA CYS A 23 0.13 -1.21 1.17
C CYS A 23 -0.25 -2.56 1.71
N GLY A 24 -0.46 -3.54 0.80
CA GLY A 24 -0.96 -4.87 1.14
C GLY A 24 0.02 -5.90 0.69
N LEU A 25 1.12 -6.06 1.44
CA LEU A 25 2.12 -7.06 1.16
C LEU A 25 1.94 -8.15 2.20
N LEU A 26 1.75 -9.42 1.78
CA LEU A 26 1.49 -10.50 2.70
C LEU A 26 2.65 -11.46 2.67
N GLY A 27 3.05 -12.00 3.85
CA GLY A 27 3.92 -13.18 3.94
C GLY A 27 5.39 -12.93 3.66
N GLN A 28 5.79 -11.65 3.55
CA GLN A 28 7.13 -11.19 3.20
C GLN A 28 7.63 -11.71 1.85
N ASN A 29 6.72 -11.84 0.85
CA ASN A 29 7.02 -12.32 -0.48
C ASN A 29 7.85 -11.35 -1.31
N LYS A 30 7.47 -10.07 -1.26
CA LYS A 30 8.00 -8.99 -2.06
C LYS A 30 8.03 -7.76 -1.17
N LYS A 31 8.41 -6.61 -1.73
CA LYS A 31 8.39 -5.32 -1.07
C LYS A 31 7.01 -4.76 -0.76
N GLY A 32 6.04 -4.81 -1.72
CA GLY A 32 4.79 -4.10 -1.63
C GLY A 32 4.85 -2.73 -2.27
N HIS A 33 3.69 -2.20 -2.71
CA HIS A 33 3.60 -0.89 -3.31
C HIS A 33 2.36 -0.26 -2.72
N CYS A 34 2.35 1.06 -2.45
CA CYS A 34 1.25 1.71 -1.77
C CYS A 34 0.04 1.95 -2.67
N TYR A 35 -1.17 1.77 -2.11
CA TYR A 35 -2.43 1.88 -2.81
C TYR A 35 -3.28 2.90 -2.07
N LYS A 36 -4.24 3.52 -2.77
CA LYS A 36 -5.25 4.40 -2.20
C LYS A 36 -6.61 3.72 -2.31
N ILE A 37 -7.44 3.78 -1.23
CA ILE A 37 -8.79 3.27 -1.20
C ILE A 37 -9.76 4.40 -1.41
N ILE A 38 -10.64 4.26 -2.42
CA ILE A 38 -11.65 5.22 -2.77
C ILE A 38 -12.98 4.50 -2.95
N GLY A 39 -14.10 5.24 -2.78
CA GLY A 39 -15.44 4.68 -2.76
C GLY A 39 -15.94 4.58 -1.34
N ASN A 40 -16.11 3.36 -0.82
CA ASN A 40 -16.59 3.13 0.54
C ASN A 40 -15.61 3.65 1.65
N PHE A 1 -16.66 0.43 -4.89
CA PHE A 1 -15.19 0.27 -4.68
C PHE A 1 -14.30 0.37 -5.93
N ASP A 2 -13.38 1.36 -5.94
CA ASP A 2 -12.25 1.40 -6.84
C ASP A 2 -11.00 1.45 -6.00
N VAL A 3 -9.86 0.95 -6.52
CA VAL A 3 -8.59 1.00 -5.84
C VAL A 3 -7.59 1.62 -6.80
N VAL A 4 -6.75 2.56 -6.30
CA VAL A 4 -5.71 3.21 -7.06
C VAL A 4 -4.43 3.16 -6.27
N SER A 5 -3.26 3.27 -6.95
CA SER A 5 -1.97 3.37 -6.28
C SER A 5 -1.67 4.78 -5.79
N CYS A 6 -0.77 4.90 -4.78
CA CYS A 6 -0.33 6.18 -4.24
C CYS A 6 1.12 6.47 -4.60
N ASN A 7 1.66 5.80 -5.63
CA ASN A 7 3.00 5.96 -6.19
C ASN A 7 4.16 5.98 -5.20
N LYS A 8 4.11 5.12 -4.15
CA LYS A 8 5.12 5.10 -3.11
C LYS A 8 5.53 3.67 -2.84
N ASN A 9 6.86 3.43 -2.71
CA ASN A 9 7.44 2.12 -2.54
C ASN A 9 7.42 1.71 -1.07
N CYS A 10 6.88 0.50 -0.82
CA CYS A 10 6.76 -0.16 0.45
C CYS A 10 7.76 -1.29 0.52
N THR A 11 8.27 -1.60 1.74
CA THR A 11 9.05 -2.81 1.97
C THR A 11 8.42 -3.36 3.23
N SER A 12 8.50 -4.68 3.49
CA SER A 12 7.70 -5.41 4.47
C SER A 12 7.81 -4.95 5.92
N GLY A 13 9.03 -4.70 6.43
CA GLY A 13 9.27 -4.32 7.82
C GLY A 13 9.40 -2.84 8.03
N GLN A 14 9.18 -2.04 6.96
CA GLN A 14 9.24 -0.60 7.04
C GLN A 14 7.87 -0.02 6.73
N ASN A 15 7.17 -0.57 5.70
CA ASN A 15 5.78 -0.40 5.34
C ASN A 15 5.41 1.07 5.10
N GLU A 16 6.27 1.78 4.34
CA GLU A 16 6.22 3.22 4.20
C GLU A 16 5.23 3.68 3.15
N CYS A 17 4.17 4.40 3.58
CA CYS A 17 3.20 5.04 2.71
C CYS A 17 2.96 6.46 3.21
N PRO A 18 2.48 7.42 2.41
CA PRO A 18 1.94 8.67 2.93
C PRO A 18 0.62 8.42 3.65
N GLU A 19 0.20 9.35 4.54
CA GLU A 19 -1.02 9.18 5.33
C GLU A 19 -2.27 9.17 4.46
N GLY A 20 -3.19 8.21 4.73
CA GLY A 20 -4.37 7.98 3.92
C GLY A 20 -4.21 6.86 2.93
N CYS A 21 -2.95 6.38 2.72
CA CYS A 21 -2.65 5.27 1.85
C CYS A 21 -2.14 4.10 2.68
N PHE A 22 -2.27 2.86 2.16
CA PHE A 22 -1.90 1.67 2.90
C PHE A 22 -1.15 0.73 1.95
N CYS A 23 -0.33 -0.19 2.48
CA CYS A 23 0.44 -1.13 1.70
C CYS A 23 -0.15 -2.52 1.76
N GLY A 24 -0.43 -3.11 0.58
CA GLY A 24 -0.92 -4.47 0.46
C GLY A 24 0.19 -5.48 0.36
N LEU A 25 1.06 -5.55 1.40
CA LEU A 25 2.12 -6.53 1.49
C LEU A 25 1.72 -7.53 2.55
N LEU A 26 1.61 -8.83 2.16
CA LEU A 26 1.17 -9.88 3.05
C LEU A 26 2.28 -10.89 3.16
N GLY A 27 2.52 -11.44 4.37
CA GLY A 27 3.28 -12.68 4.55
C GLY A 27 4.77 -12.55 4.40
N GLN A 28 5.27 -11.32 4.22
CA GLN A 28 6.64 -10.98 3.87
C GLN A 28 7.12 -11.66 2.57
N ASN A 29 6.26 -11.66 1.53
CA ASN A 29 6.60 -12.29 0.25
C ASN A 29 7.59 -11.52 -0.59
N LYS A 30 7.36 -10.20 -0.77
CA LYS A 30 8.23 -9.33 -1.51
C LYS A 30 8.27 -8.00 -0.77
N LYS A 31 7.97 -6.92 -1.51
CA LYS A 31 8.01 -5.54 -1.09
C LYS A 31 6.64 -4.90 -0.90
N GLY A 32 5.69 -5.07 -1.86
CA GLY A 32 4.40 -4.39 -1.82
C GLY A 32 4.46 -3.02 -2.44
N HIS A 33 3.30 -2.32 -2.47
CA HIS A 33 3.23 -0.98 -3.02
C HIS A 33 2.04 -0.32 -2.34
N CYS A 34 2.02 1.03 -2.24
CA CYS A 34 0.97 1.74 -1.50
C CYS A 34 -0.27 2.04 -2.33
N TYR A 35 -1.48 1.80 -1.78
CA TYR A 35 -2.74 1.93 -2.48
C TYR A 35 -3.66 2.85 -1.69
N LYS A 36 -4.70 3.41 -2.36
CA LYS A 36 -5.82 4.06 -1.72
C LYS A 36 -7.13 3.38 -2.11
N ILE A 37 -8.03 3.14 -1.13
CA ILE A 37 -9.41 2.70 -1.31
C ILE A 37 -10.31 3.91 -1.47
N ILE A 38 -11.11 3.94 -2.56
CA ILE A 38 -12.16 4.93 -2.77
C ILE A 38 -13.45 4.25 -3.18
N GLY A 39 -14.60 4.91 -2.93
CA GLY A 39 -15.92 4.36 -3.17
C GLY A 39 -16.58 4.02 -1.87
N ASN A 40 -17.46 2.99 -1.87
CA ASN A 40 -18.16 2.50 -0.69
C ASN A 40 -18.99 3.58 0.08
N PHE A 1 -16.62 0.57 -5.14
CA PHE A 1 -15.15 0.31 -4.97
C PHE A 1 -14.25 0.64 -6.17
N ASP A 2 -13.34 1.62 -6.01
CA ASP A 2 -12.20 1.83 -6.87
C ASP A 2 -10.94 1.76 -6.02
N VAL A 3 -9.82 1.29 -6.62
CA VAL A 3 -8.52 1.30 -5.97
C VAL A 3 -7.58 2.07 -6.89
N VAL A 4 -6.78 3.00 -6.34
CA VAL A 4 -5.80 3.78 -7.10
C VAL A 4 -4.49 3.78 -6.34
N SER A 5 -3.37 3.95 -7.07
CA SER A 5 -2.03 3.96 -6.50
C SER A 5 -1.63 5.28 -5.88
N CYS A 6 -0.76 5.24 -4.84
CA CYS A 6 -0.27 6.43 -4.16
C CYS A 6 1.13 6.78 -4.62
N ASN A 7 1.74 5.93 -5.48
CA ASN A 7 3.07 6.04 -6.07
C ASN A 7 4.21 6.17 -5.08
N LYS A 8 4.13 5.33 -4.03
CA LYS A 8 5.17 5.00 -3.09
C LYS A 8 5.18 3.50 -3.00
N ASN A 9 6.36 2.88 -2.72
CA ASN A 9 6.44 1.47 -2.42
C ASN A 9 6.35 1.25 -0.93
N CYS A 10 6.29 -0.02 -0.47
CA CYS A 10 6.66 -0.31 0.90
C CYS A 10 7.80 -1.30 0.82
N THR A 11 8.44 -1.64 1.95
CA THR A 11 9.38 -2.74 2.01
C THR A 11 8.96 -3.41 3.29
N SER A 12 9.00 -4.76 3.42
CA SER A 12 8.32 -5.48 4.49
C SER A 12 8.72 -5.06 5.91
N GLY A 13 10.03 -4.86 6.19
CA GLY A 13 10.48 -4.36 7.48
C GLY A 13 10.14 -2.91 7.77
N GLN A 14 10.37 -2.04 6.77
CA GLN A 14 10.18 -0.60 6.83
C GLN A 14 8.72 -0.17 6.93
N ASN A 15 7.86 -0.83 6.12
CA ASN A 15 6.41 -0.70 6.03
C ASN A 15 5.93 0.74 5.77
N GLU A 16 6.67 1.48 4.93
CA GLU A 16 6.33 2.82 4.49
C GLU A 16 5.13 2.93 3.58
N CYS A 17 4.15 3.80 3.93
CA CYS A 17 3.24 4.44 3.00
C CYS A 17 3.01 5.85 3.52
N PRO A 18 2.58 6.82 2.71
CA PRO A 18 2.00 8.06 3.22
C PRO A 18 0.64 7.81 3.85
N GLU A 19 0.16 8.70 4.72
CA GLU A 19 -1.09 8.52 5.46
C GLU A 19 -2.31 8.51 4.55
N GLY A 20 -3.24 7.57 4.79
CA GLY A 20 -4.42 7.37 3.96
C GLY A 20 -4.24 6.29 2.92
N CYS A 21 -3.00 5.79 2.74
CA CYS A 21 -2.66 4.75 1.80
C CYS A 21 -2.19 3.54 2.58
N PHE A 22 -2.29 2.33 2.00
CA PHE A 22 -1.84 1.12 2.66
C PHE A 22 -1.08 0.30 1.63
N CYS A 23 -0.27 -0.68 2.11
CA CYS A 23 0.47 -1.57 1.24
C CYS A 23 -0.02 -2.97 1.54
N GLY A 24 -0.50 -3.71 0.52
CA GLY A 24 -0.96 -5.07 0.69
C GLY A 24 0.20 -6.02 0.63
N LEU A 25 0.93 -6.11 1.76
CA LEU A 25 2.13 -6.90 1.87
C LEU A 25 1.68 -8.19 2.54
N LEU A 26 1.74 -9.33 1.81
CA LEU A 26 0.78 -10.42 1.99
C LEU A 26 1.07 -11.26 3.24
N GLY A 27 2.35 -11.69 3.39
CA GLY A 27 2.82 -12.41 4.56
C GLY A 27 4.32 -12.34 4.57
N GLN A 28 4.86 -11.18 4.99
CA GLN A 28 6.27 -10.82 5.08
C GLN A 28 7.14 -11.17 3.87
N ASN A 29 6.76 -10.62 2.70
CA ASN A 29 7.35 -10.97 1.42
C ASN A 29 8.31 -9.88 0.96
N LYS A 30 8.04 -9.25 -0.19
CA LYS A 30 8.93 -8.30 -0.85
C LYS A 30 8.52 -6.87 -0.53
N LYS A 31 7.83 -6.21 -1.50
CA LYS A 31 7.65 -4.77 -1.51
C LYS A 31 6.23 -4.26 -1.72
N GLY A 32 5.35 -4.96 -2.48
CA GLY A 32 4.01 -4.46 -2.78
C GLY A 32 4.04 -3.16 -3.58
N HIS A 33 3.07 -2.26 -3.32
CA HIS A 33 3.14 -0.88 -3.73
C HIS A 33 2.12 -0.23 -2.80
N CYS A 34 2.14 1.11 -2.56
CA CYS A 34 1.12 1.76 -1.76
C CYS A 34 -0.06 2.21 -2.60
N TYR A 35 -1.28 1.93 -2.10
CA TYR A 35 -2.54 2.23 -2.75
C TYR A 35 -3.65 2.48 -1.75
N LYS A 36 -4.77 3.08 -2.21
CA LYS A 36 -5.86 3.51 -1.36
C LYS A 36 -7.21 3.10 -1.92
N ILE A 37 -8.21 2.97 -1.03
CA ILE A 37 -9.57 2.49 -1.33
C ILE A 37 -10.52 3.66 -1.25
N ILE A 38 -11.28 3.90 -2.34
CA ILE A 38 -12.33 4.89 -2.40
C ILE A 38 -13.56 4.25 -3.02
N GLY A 39 -14.77 4.79 -2.76
CA GLY A 39 -16.01 4.24 -3.28
C GLY A 39 -17.04 4.27 -2.21
N ASN A 40 -17.95 3.27 -2.21
CA ASN A 40 -19.03 3.14 -1.23
C ASN A 40 -18.52 2.91 0.23
#